data_8R0J
#
_entry.id   8R0J
#
_cell.length_a   48.150
_cell.length_b   130.340
_cell.length_c   146.890
_cell.angle_alpha   90.000
_cell.angle_beta   90.000
_cell.angle_gamma   90.000
#
_symmetry.space_group_name_H-M   'P 21 21 21'
#
loop_
_entity.id
_entity.type
_entity.pdbx_description
1 polymer 'Vacuolar protein sorting-associated protein 29'
2 polymer 'Vacuolar protein sorting-associated protein 35'
3 non-polymer 'Bis-1,3-phenyl guanylhydrazon'
4 non-polymer 2-AMINO-2-HYDROXYMETHYL-PROPANE-1,3-DIOL
5 water water
#
loop_
_entity_poly.entity_id
_entity_poly.type
_entity_poly.pdbx_seq_one_letter_code
_entity_poly.pdbx_strand_id
1 'polypeptide(L)'
;MEHMLVLVLGDLHIPHRCNSLPAKFKKLLVPGKIQHILCTGNLCTKESYDYLKTLAGDVHIVRGDFDENLNYPEQKVVTV
GQFKIGLIHGHQVIPWGDMASLALLQRQFDVDILISGHTHKFEAFEHENKFYINPGSATGAYNALETNIIPSFVLMDIQA
STVVTYVYQLIGDDVKVERIEYKKP
;
A,B
2 'polypeptide(L)'
;MVEDPDPEDFADEQSLVGRFIHLLRSEDPDQQYLILNTARKHFGAGGNQRIRFTLPPLVFAAYQLAFRYKENSKVDDKWE
KKCQKIFSFAHQTISALIKAELAELPLRLFLQGALAAGEIGFENHETVAYEFMSQAFSLYEDEISDSKAQLAAITLIIGT
FERMKCFSEENHEPLRTQCALAASKLLKKPDQGRAVSTCAHLFWSGRNTDKNGEELHGGKRVMECLKKALKIANQCMDPS
LQVQLFIEILNRYIYFYEKENDAVTIQVLNQLIQKIREDLPNLESSEETEQINKHFHNTLEHLRLR
;
C,D
#
loop_
_chem_comp.id
_chem_comp.type
_chem_comp.name
_chem_comp.formula
TRS non-polymer 2-AMINO-2-HYDROXYMETHYL-PROPANE-1,3-DIOL 'C4 H12 N O3 1'
XFZ non-polymer 'Bis-1,3-phenyl guanylhydrazon' 'C10 H14 N8'
#
# COMPACT_ATOMS: atom_id res chain seq x y z
N HIS A 3 -45.05 -5.89 -5.28
CA HIS A 3 -44.58 -6.96 -4.37
C HIS A 3 -43.32 -6.52 -3.61
N MET A 4 -42.35 -5.89 -4.30
CA MET A 4 -41.08 -5.51 -3.67
C MET A 4 -40.64 -4.12 -4.12
N LEU A 5 -40.59 -3.17 -3.18
CA LEU A 5 -40.27 -1.78 -3.49
C LEU A 5 -38.83 -1.47 -3.07
N VAL A 6 -38.04 -0.94 -4.02
CA VAL A 6 -36.65 -0.62 -3.76
C VAL A 6 -36.37 0.81 -4.20
N LEU A 7 -35.97 1.66 -3.25
CA LEU A 7 -35.59 3.03 -3.53
C LEU A 7 -34.14 3.05 -4.03
N VAL A 8 -33.90 3.80 -5.11
CA VAL A 8 -32.59 3.92 -5.73
C VAL A 8 -32.25 5.41 -5.87
N LEU A 9 -31.18 5.85 -5.19
CA LEU A 9 -30.80 7.25 -5.18
C LEU A 9 -29.34 7.42 -4.84
N GLY A 10 -28.80 8.61 -5.10
CA GLY A 10 -27.49 9.01 -4.66
C GLY A 10 -27.06 10.36 -5.26
N ASP A 11 -25.76 10.66 -5.13
CA ASP A 11 -25.15 11.90 -5.61
C ASP A 11 -25.86 13.08 -4.96
N LEU A 12 -26.11 12.94 -3.64
CA LEU A 12 -26.68 13.99 -2.80
C LEU A 12 -25.71 15.17 -2.68
N HIS A 13 -24.44 14.84 -2.39
CA HIS A 13 -23.37 15.82 -2.31
C HIS A 13 -23.66 16.88 -1.25
N ILE A 14 -24.21 16.45 -0.10
CA ILE A 14 -24.40 17.32 1.05
C ILE A 14 -23.20 17.15 2.00
N PRO A 15 -22.52 18.23 2.47
CA PRO A 15 -22.84 19.61 2.12
C PRO A 15 -22.10 20.30 0.97
N HIS A 16 -21.33 19.53 0.21
CA HIS A 16 -20.41 20.08 -0.77
C HIS A 16 -21.12 20.93 -1.83
N ARG A 17 -22.25 20.44 -2.33
CA ARG A 17 -22.90 21.05 -3.48
C ARG A 17 -24.34 21.46 -3.16
N CYS A 18 -24.88 20.92 -2.06
CA CYS A 18 -26.28 21.11 -1.71
CA CYS A 18 -26.27 21.12 -1.70
C CYS A 18 -26.41 20.99 -0.19
N ASN A 19 -27.54 21.50 0.33
CA ASN A 19 -27.79 21.54 1.77
C ASN A 19 -28.76 20.42 2.16
N SER A 20 -29.69 20.08 1.26
CA SER A 20 -30.64 19.02 1.56
C SER A 20 -31.40 18.58 0.31
N LEU A 21 -32.21 17.54 0.47
CA LEU A 21 -33.13 17.09 -0.57
C LEU A 21 -34.23 18.14 -0.72
N PRO A 22 -34.87 18.25 -1.91
CA PRO A 22 -36.00 19.17 -2.08
C PRO A 22 -37.09 18.80 -1.09
N ALA A 23 -37.88 19.80 -0.68
CA ALA A 23 -38.94 19.57 0.29
C ALA A 23 -39.97 18.58 -0.26
N LYS A 24 -40.22 18.62 -1.59
CA LYS A 24 -41.21 17.76 -2.21
C LYS A 24 -40.76 16.30 -2.22
N PHE A 25 -39.44 16.06 -2.37
CA PHE A 25 -38.90 14.71 -2.31
C PHE A 25 -38.99 14.17 -0.87
N LYS A 26 -38.63 15.00 0.11
CA LYS A 26 -38.69 14.58 1.51
C LYS A 26 -40.12 14.17 1.87
N LYS A 27 -41.09 14.91 1.31
CA LYS A 27 -42.51 14.67 1.55
C LYS A 27 -42.91 13.30 0.98
N LEU A 28 -42.36 12.96 -0.20
CA LEU A 28 -42.65 11.69 -0.88
C LEU A 28 -41.93 10.53 -0.18
N LEU A 29 -40.80 10.79 0.47
CA LEU A 29 -40.00 9.71 1.05
C LEU A 29 -40.34 9.58 2.54
N VAL A 30 -41.24 8.63 2.83
CA VAL A 30 -41.79 8.43 4.17
C VAL A 30 -41.39 7.05 4.69
N PRO A 31 -41.06 6.91 5.98
CA PRO A 31 -40.69 5.61 6.55
C PRO A 31 -41.77 4.54 6.41
N GLY A 32 -41.35 3.28 6.46
CA GLY A 32 -42.28 2.17 6.52
C GLY A 32 -42.86 1.77 5.16
N LYS A 33 -42.56 2.53 4.10
CA LYS A 33 -43.10 2.24 2.78
C LYS A 33 -42.07 1.45 1.96
N ILE A 34 -40.79 1.86 2.01
CA ILE A 34 -39.80 1.13 1.22
C ILE A 34 -39.05 0.14 2.10
N GLN A 35 -38.69 -0.98 1.45
CA GLN A 35 -38.10 -2.15 2.09
C GLN A 35 -36.59 -2.15 1.94
N HIS A 36 -36.12 -1.96 0.69
CA HIS A 36 -34.70 -1.92 0.42
C HIS A 36 -34.32 -0.55 -0.14
N ILE A 37 -33.12 -0.09 0.22
CA ILE A 37 -32.52 1.08 -0.39
C ILE A 37 -31.18 0.65 -0.99
N LEU A 38 -30.99 1.00 -2.27
CA LEU A 38 -29.71 0.89 -2.94
C LEU A 38 -29.19 2.29 -3.25
N CYS A 39 -28.03 2.63 -2.70
CA CYS A 39 -27.53 4.00 -2.80
C CYS A 39 -26.20 4.02 -3.54
N THR A 40 -26.08 4.90 -4.55
CA THR A 40 -24.90 4.97 -5.39
C THR A 40 -23.77 5.77 -4.74
N GLY A 41 -23.98 6.33 -3.53
CA GLY A 41 -22.93 7.05 -2.80
C GLY A 41 -22.89 8.56 -3.05
N ASN A 42 -21.79 9.19 -2.63
CA ASN A 42 -21.64 10.63 -2.60
C ASN A 42 -22.79 11.24 -1.79
N LEU A 43 -22.75 10.98 -0.47
CA LEU A 43 -23.77 11.40 0.50
C LEU A 43 -23.68 12.88 0.86
N CYS A 44 -22.53 13.40 1.37
CA CYS A 44 -21.24 12.75 1.48
C CYS A 44 -20.79 12.58 2.93
N THR A 45 -21.74 12.60 3.88
CA THR A 45 -21.40 12.44 5.29
C THR A 45 -22.37 11.46 5.95
N LYS A 46 -22.02 11.04 7.17
CA LYS A 46 -22.79 10.12 8.00
C LYS A 46 -24.23 10.59 8.20
N GLU A 47 -24.41 11.92 8.30
CA GLU A 47 -25.70 12.54 8.46
C GLU A 47 -26.69 11.96 7.44
N SER A 48 -26.28 11.91 6.18
CA SER A 48 -27.17 11.49 5.11
C SER A 48 -27.44 9.98 5.20
N TYR A 49 -26.46 9.21 5.68
CA TYR A 49 -26.64 7.79 5.95
C TYR A 49 -27.73 7.61 7.01
N ASP A 50 -27.67 8.44 8.06
CA ASP A 50 -28.60 8.36 9.17
C ASP A 50 -30.02 8.64 8.70
N TYR A 51 -30.17 9.62 7.78
CA TYR A 51 -31.44 9.92 7.15
C TYR A 51 -31.98 8.69 6.41
N LEU A 52 -31.12 8.04 5.60
CA LEU A 52 -31.57 6.90 4.81
C LEU A 52 -32.03 5.77 5.73
N LYS A 53 -31.37 5.65 6.88
CA LYS A 53 -31.67 4.58 7.83
C LYS A 53 -33.06 4.80 8.47
N THR A 54 -33.56 6.04 8.42
CA THR A 54 -34.91 6.38 8.83
C THR A 54 -35.96 5.81 7.88
N LEU A 55 -35.62 5.72 6.59
CA LEU A 55 -36.59 5.39 5.55
C LEU A 55 -36.78 3.88 5.46
N ALA A 56 -35.71 3.12 5.74
CA ALA A 56 -35.77 1.66 5.70
C ALA A 56 -34.67 1.07 6.58
N GLY A 57 -34.81 -0.23 6.85
CA GLY A 57 -33.81 -1.00 7.58
C GLY A 57 -32.72 -1.54 6.67
N ASP A 58 -33.07 -1.98 5.47
CA ASP A 58 -32.12 -2.59 4.55
C ASP A 58 -31.56 -1.49 3.65
N VAL A 59 -30.36 -1.00 3.97
CA VAL A 59 -29.72 0.06 3.20
C VAL A 59 -28.37 -0.46 2.73
N HIS A 60 -28.14 -0.41 1.41
CA HIS A 60 -26.87 -0.76 0.80
C HIS A 60 -26.28 0.50 0.17
N ILE A 61 -25.02 0.81 0.50
CA ILE A 61 -24.32 1.97 -0.05
C ILE A 61 -22.96 1.55 -0.61
N VAL A 62 -22.61 2.18 -1.73
CA VAL A 62 -21.29 2.05 -2.32
C VAL A 62 -20.60 3.40 -2.29
N ARG A 63 -19.26 3.38 -2.41
CA ARG A 63 -18.44 4.53 -2.11
C ARG A 63 -18.38 5.48 -3.31
N GLY A 64 -18.71 6.76 -3.06
CA GLY A 64 -18.55 7.81 -4.05
C GLY A 64 -17.15 8.42 -3.96
N ASP A 65 -16.78 9.22 -4.96
CA ASP A 65 -15.47 9.86 -5.01
C ASP A 65 -15.31 10.91 -3.91
N PHE A 66 -16.42 11.40 -3.33
CA PHE A 66 -16.35 12.44 -2.31
C PHE A 66 -16.87 11.96 -0.96
N ASP A 67 -17.14 10.66 -0.81
CA ASP A 67 -17.54 10.11 0.47
C ASP A 67 -16.38 10.12 1.46
N GLU A 68 -16.66 10.65 2.67
CA GLU A 68 -15.74 10.70 3.78
C GLU A 68 -15.60 9.32 4.43
N ASN A 69 -16.72 8.56 4.42
CA ASN A 69 -16.80 7.26 5.06
C ASN A 69 -16.27 6.20 4.09
N LEU A 70 -14.97 5.92 4.15
CA LEU A 70 -14.36 4.87 3.34
C LEU A 70 -14.73 3.49 3.89
N ASN A 71 -15.74 3.42 4.78
CA ASN A 71 -16.32 2.17 5.22
C ASN A 71 -17.08 1.47 4.09
N TYR A 72 -17.54 2.24 3.09
CA TYR A 72 -18.47 1.70 2.11
C TYR A 72 -17.66 0.93 1.07
N PRO A 73 -18.19 -0.21 0.57
CA PRO A 73 -17.52 -0.95 -0.50
C PRO A 73 -17.57 -0.19 -1.83
N GLU A 74 -16.57 -0.44 -2.67
CA GLU A 74 -16.47 0.14 -3.99
C GLU A 74 -17.68 -0.26 -4.85
N GLN A 75 -18.17 -1.49 -4.63
CA GLN A 75 -19.22 -2.08 -5.44
C GLN A 75 -19.88 -3.20 -4.64
N LYS A 76 -21.11 -3.54 -5.04
CA LYS A 76 -21.90 -4.52 -4.33
C LYS A 76 -22.76 -5.24 -5.35
N VAL A 77 -23.06 -6.51 -5.06
CA VAL A 77 -24.06 -7.27 -5.81
C VAL A 77 -25.10 -7.73 -4.81
N VAL A 78 -26.36 -7.38 -5.07
CA VAL A 78 -27.45 -7.72 -4.19
C VAL A 78 -28.49 -8.53 -4.98
N THR A 79 -28.99 -9.61 -4.40
CA THR A 79 -30.02 -10.40 -5.06
C THR A 79 -31.36 -10.08 -4.41
N VAL A 80 -32.32 -9.64 -5.22
CA VAL A 80 -33.68 -9.40 -4.75
C VAL A 80 -34.63 -10.19 -5.65
N GLY A 81 -35.19 -11.27 -5.08
CA GLY A 81 -36.10 -12.12 -5.82
C GLY A 81 -35.35 -12.82 -6.95
N GLN A 82 -35.84 -12.63 -8.18
CA GLN A 82 -35.25 -13.26 -9.35
C GLN A 82 -34.10 -12.44 -9.93
N PHE A 83 -33.85 -11.24 -9.38
CA PHE A 83 -32.90 -10.32 -10.00
C PHE A 83 -31.60 -10.24 -9.19
N LYS A 84 -30.51 -10.37 -9.93
CA LYS A 84 -29.17 -10.11 -9.43
C LYS A 84 -28.85 -8.67 -9.81
N ILE A 85 -28.59 -7.81 -8.82
CA ILE A 85 -28.47 -6.38 -9.05
C ILE A 85 -27.08 -5.90 -8.61
N GLY A 86 -26.38 -5.23 -9.53
CA GLY A 86 -25.07 -4.66 -9.24
C GLY A 86 -25.21 -3.17 -8.89
N LEU A 87 -24.28 -2.69 -8.05
CA LEU A 87 -24.31 -1.32 -7.59
C LEU A 87 -22.90 -0.74 -7.55
N ILE A 88 -22.67 0.37 -8.25
CA ILE A 88 -21.39 1.05 -8.23
C ILE A 88 -21.63 2.55 -8.44
N HIS A 89 -20.78 3.43 -7.91
CA HIS A 89 -20.98 4.86 -8.06
C HIS A 89 -20.77 5.28 -9.52
N GLY A 90 -19.68 4.86 -10.17
CA GLY A 90 -19.50 5.09 -11.61
C GLY A 90 -18.34 6.00 -11.98
N HIS A 91 -17.65 6.58 -10.98
CA HIS A 91 -16.44 7.35 -11.25
C HIS A 91 -15.30 6.44 -11.70
N GLN A 92 -15.47 5.12 -11.51
CA GLN A 92 -14.51 4.10 -11.90
C GLN A 92 -14.81 3.58 -13.30
N VAL A 93 -16.01 3.89 -13.80
CA VAL A 93 -16.40 3.47 -15.12
C VAL A 93 -15.97 4.55 -16.09
N ILE A 94 -15.03 4.20 -16.97
CA ILE A 94 -14.44 5.18 -17.88
C ILE A 94 -14.60 4.70 -19.31
N PRO A 95 -15.02 5.56 -20.25
CA PRO A 95 -15.46 6.93 -19.96
C PRO A 95 -16.72 7.00 -19.09
N TRP A 96 -16.83 8.06 -18.28
CA TRP A 96 -17.97 8.22 -17.39
C TRP A 96 -19.27 8.14 -18.17
N GLY A 97 -20.16 7.27 -17.70
CA GLY A 97 -21.50 7.14 -18.25
C GLY A 97 -21.55 6.39 -19.60
N ASP A 98 -20.41 5.90 -20.11
CA ASP A 98 -20.42 5.20 -21.40
C ASP A 98 -21.13 3.85 -21.24
N MET A 99 -22.14 3.61 -22.08
CA MET A 99 -22.94 2.39 -22.02
C MET A 99 -22.07 1.15 -22.24
N ALA A 100 -21.13 1.21 -23.19
CA ALA A 100 -20.25 0.07 -23.47
C ALA A 100 -19.38 -0.26 -22.26
N SER A 101 -18.91 0.75 -21.53
CA SER A 101 -18.09 0.51 -20.35
C SER A 101 -18.94 -0.08 -19.23
N LEU A 102 -20.20 0.37 -19.17
CA LEU A 102 -21.12 -0.19 -18.20
C LEU A 102 -21.36 -1.66 -18.53
N ALA A 103 -21.45 -1.99 -19.82
CA ALA A 103 -21.72 -3.37 -20.24
C ALA A 103 -20.57 -4.29 -19.84
N LEU A 104 -19.33 -3.79 -19.86
CA LEU A 104 -18.17 -4.59 -19.43
C LEU A 104 -18.37 -5.01 -17.97
N LEU A 105 -18.90 -4.09 -17.17
CA LEU A 105 -19.04 -4.33 -15.74
C LEU A 105 -20.18 -5.31 -15.48
N GLN A 106 -21.25 -5.26 -16.28
CA GLN A 106 -22.36 -6.21 -16.18
C GLN A 106 -21.85 -7.63 -16.39
N ARG A 107 -20.92 -7.82 -17.32
CA ARG A 107 -20.34 -9.12 -17.62
C ARG A 107 -19.52 -9.62 -16.44
N GLN A 108 -18.79 -8.70 -15.79
CA GLN A 108 -17.91 -9.03 -14.67
C GLN A 108 -18.73 -9.33 -13.43
N PHE A 109 -19.75 -8.51 -13.15
CA PHE A 109 -20.52 -8.67 -11.92
C PHE A 109 -21.59 -9.76 -12.11
N ASP A 110 -21.92 -10.09 -13.36
CA ASP A 110 -22.88 -11.13 -13.68
C ASP A 110 -24.27 -10.74 -13.17
N VAL A 111 -24.78 -9.59 -13.63
CA VAL A 111 -25.98 -9.02 -13.02
C VAL A 111 -27.05 -8.83 -14.09
N ASP A 112 -28.32 -8.91 -13.67
CA ASP A 112 -29.45 -8.67 -14.54
C ASP A 112 -29.65 -7.17 -14.74
N ILE A 113 -29.38 -6.42 -13.66
CA ILE A 113 -29.52 -4.98 -13.58
C ILE A 113 -28.24 -4.39 -12.98
N LEU A 114 -27.79 -3.28 -13.58
CA LEU A 114 -26.63 -2.55 -13.08
C LEU A 114 -27.08 -1.13 -12.79
N ILE A 115 -26.89 -0.73 -11.53
CA ILE A 115 -27.17 0.62 -11.08
C ILE A 115 -25.85 1.37 -10.88
N SER A 116 -25.75 2.54 -11.52
CA SER A 116 -24.59 3.40 -11.39
C SER A 116 -25.04 4.86 -11.31
N GLY A 117 -24.10 5.74 -10.91
CA GLY A 117 -24.37 7.17 -10.80
C GLY A 117 -23.31 8.04 -11.48
N HIS A 118 -22.91 9.09 -10.76
CA HIS A 118 -21.77 9.93 -11.07
C HIS A 118 -22.10 11.00 -12.10
N THR A 119 -22.93 10.71 -13.09
CA THR A 119 -23.22 11.66 -14.17
C THR A 119 -24.26 12.71 -13.76
N HIS A 120 -25.06 12.44 -12.71
CA HIS A 120 -26.14 13.32 -12.26
C HIS A 120 -27.25 13.42 -13.32
N LYS A 121 -27.42 12.34 -14.11
CA LYS A 121 -28.44 12.29 -15.15
C LYS A 121 -29.13 10.93 -15.10
N PHE A 122 -30.45 10.98 -14.91
CA PHE A 122 -31.26 9.77 -14.84
CA PHE A 122 -31.26 9.77 -14.85
C PHE A 122 -31.12 9.00 -16.15
N GLU A 123 -30.98 7.67 -16.04
CA GLU A 123 -30.99 6.77 -17.17
C GLU A 123 -31.74 5.49 -16.79
N ALA A 124 -32.50 4.94 -17.75
CA ALA A 124 -33.05 3.59 -17.61
C ALA A 124 -33.23 2.97 -19.00
N PHE A 125 -32.45 1.93 -19.32
CA PHE A 125 -32.52 1.37 -20.65
C PHE A 125 -32.10 -0.09 -20.63
N GLU A 126 -32.47 -0.78 -21.72
CA GLU A 126 -32.16 -2.17 -21.92
C GLU A 126 -31.11 -2.27 -23.02
N HIS A 127 -30.12 -3.14 -22.83
CA HIS A 127 -29.10 -3.37 -23.83
C HIS A 127 -28.70 -4.83 -23.73
N GLU A 128 -28.80 -5.57 -24.84
CA GLU A 128 -28.51 -6.99 -24.87
C GLU A 128 -29.23 -7.71 -23.72
N ASN A 129 -30.50 -7.37 -23.51
CA ASN A 129 -31.40 -8.06 -22.60
C ASN A 129 -30.98 -7.90 -21.13
N LYS A 130 -30.21 -6.83 -20.85
CA LYS A 130 -29.80 -6.50 -19.50
C LYS A 130 -30.25 -5.07 -19.21
N PHE A 131 -30.59 -4.78 -17.95
CA PHE A 131 -31.15 -3.48 -17.61
C PHE A 131 -30.13 -2.60 -16.87
N TYR A 132 -30.13 -1.31 -17.20
CA TYR A 132 -29.20 -0.34 -16.67
C TYR A 132 -29.95 0.89 -16.13
N ILE A 133 -29.66 1.24 -14.88
CA ILE A 133 -30.35 2.32 -14.17
C ILE A 133 -29.32 3.28 -13.55
N ASN A 134 -29.53 4.57 -13.80
CA ASN A 134 -28.88 5.64 -13.07
C ASN A 134 -29.99 6.50 -12.46
N PRO A 135 -30.08 6.64 -11.12
CA PRO A 135 -31.14 7.45 -10.52
C PRO A 135 -30.97 8.97 -10.68
N GLY A 136 -29.80 9.39 -11.17
CA GLY A 136 -29.41 10.80 -11.14
C GLY A 136 -29.07 11.24 -9.71
N SER A 137 -28.98 12.57 -9.51
CA SER A 137 -28.75 13.17 -8.21
C SER A 137 -30.09 13.52 -7.58
N ALA A 138 -30.31 13.06 -6.34
CA ALA A 138 -31.55 13.30 -5.62
C ALA A 138 -31.69 14.77 -5.19
N THR A 139 -30.55 15.48 -5.08
CA THR A 139 -30.53 16.87 -4.69
C THR A 139 -30.36 17.76 -5.91
N GLY A 140 -30.30 17.16 -7.10
CA GLY A 140 -29.98 17.89 -8.32
C GLY A 140 -28.62 18.59 -8.23
N ALA A 141 -27.59 17.93 -7.67
CA ALA A 141 -26.31 18.57 -7.40
C ALA A 141 -25.56 18.96 -8.67
N TYR A 142 -24.91 20.12 -8.60
CA TYR A 142 -23.97 20.62 -9.60
C TYR A 142 -23.08 19.51 -10.16
N ASN A 143 -22.78 19.65 -11.45
CA ASN A 143 -21.90 18.78 -12.20
C ASN A 143 -21.30 19.57 -13.36
N ALA A 144 -19.97 19.57 -13.50
CA ALA A 144 -19.32 20.40 -14.50
C ALA A 144 -19.79 20.11 -15.92
N LEU A 145 -20.22 18.87 -16.17
CA LEU A 145 -20.39 18.38 -17.53
C LEU A 145 -21.85 18.43 -17.99
N GLU A 146 -22.76 18.94 -17.14
CA GLU A 146 -24.17 19.04 -17.47
C GLU A 146 -24.77 20.25 -16.75
N THR A 147 -25.36 21.20 -17.48
CA THR A 147 -25.79 22.47 -16.88
C THR A 147 -27.23 22.39 -16.38
N ASN A 148 -28.06 21.49 -16.94
CA ASN A 148 -29.46 21.37 -16.57
C ASN A 148 -29.71 20.10 -15.76
N ILE A 149 -29.34 20.16 -14.48
CA ILE A 149 -29.50 19.03 -13.58
C ILE A 149 -30.89 19.10 -12.95
N ILE A 150 -31.60 17.97 -13.02
CA ILE A 150 -32.93 17.77 -12.49
C ILE A 150 -32.82 16.85 -11.29
N PRO A 151 -33.31 17.22 -10.08
CA PRO A 151 -33.38 16.28 -8.96
C PRO A 151 -34.20 15.07 -9.37
N SER A 152 -33.64 13.88 -9.16
CA SER A 152 -34.31 12.64 -9.53
C SER A 152 -33.95 11.52 -8.57
N PHE A 153 -34.86 10.55 -8.45
CA PHE A 153 -34.54 9.28 -7.85
C PHE A 153 -35.40 8.22 -8.51
N VAL A 154 -35.20 6.97 -8.14
CA VAL A 154 -35.92 5.86 -8.76
C VAL A 154 -36.54 5.00 -7.67
N LEU A 155 -37.69 4.41 -8.01
CA LEU A 155 -38.32 3.36 -7.22
C LEU A 155 -38.53 2.15 -8.12
N MET A 156 -37.93 1.02 -7.76
CA MET A 156 -38.10 -0.23 -8.49
C MET A 156 -39.18 -1.04 -7.80
N ASP A 157 -40.19 -1.44 -8.60
CA ASP A 157 -41.23 -2.35 -8.17
C ASP A 157 -40.92 -3.72 -8.76
N ILE A 158 -40.37 -4.62 -7.93
CA ILE A 158 -39.87 -5.90 -8.41
C ILE A 158 -40.92 -6.98 -8.16
N GLN A 159 -41.50 -7.53 -9.24
CA GLN A 159 -42.55 -8.54 -9.14
C GLN A 159 -42.25 -9.70 -10.09
N ALA A 160 -41.86 -10.85 -9.52
CA ALA A 160 -41.53 -12.06 -10.26
C ALA A 160 -40.37 -11.78 -11.20
N SER A 161 -40.56 -11.96 -12.51
CA SER A 161 -39.50 -11.76 -13.49
C SER A 161 -39.62 -10.39 -14.18
N THR A 162 -40.35 -9.47 -13.55
CA THR A 162 -40.57 -8.14 -14.10
C THR A 162 -40.15 -7.09 -13.06
N VAL A 163 -39.59 -5.98 -13.55
CA VAL A 163 -39.34 -4.83 -12.69
C VAL A 163 -39.89 -3.60 -13.39
N VAL A 164 -40.80 -2.90 -12.71
CA VAL A 164 -41.27 -1.60 -13.16
C VAL A 164 -40.46 -0.54 -12.41
N THR A 165 -39.80 0.35 -13.17
CA THR A 165 -39.00 1.37 -12.53
C THR A 165 -39.69 2.70 -12.74
N TYR A 166 -39.92 3.40 -11.62
CA TYR A 166 -40.52 4.71 -11.64
C TYR A 166 -39.40 5.73 -11.39
N VAL A 167 -39.29 6.69 -12.32
CA VAL A 167 -38.38 7.80 -12.13
C VAL A 167 -39.18 9.02 -11.71
N TYR A 168 -38.77 9.60 -10.58
CA TYR A 168 -39.33 10.82 -10.03
C TYR A 168 -38.38 11.98 -10.29
N GLN A 169 -38.90 13.03 -10.93
CA GLN A 169 -38.10 14.16 -11.36
C GLN A 169 -38.79 15.44 -10.88
N LEU A 170 -38.00 16.35 -10.30
CA LEU A 170 -38.53 17.64 -9.89
C LEU A 170 -38.32 18.66 -11.02
N ILE A 171 -39.43 19.08 -11.64
CA ILE A 171 -39.42 20.06 -12.72
C ILE A 171 -40.31 21.24 -12.32
N GLY A 172 -39.69 22.40 -12.09
CA GLY A 172 -40.33 23.51 -11.39
C GLY A 172 -40.62 23.12 -9.94
N ASP A 173 -41.89 23.30 -9.54
CA ASP A 173 -42.33 22.84 -8.23
C ASP A 173 -43.19 21.58 -8.42
N ASP A 174 -42.96 20.87 -9.52
CA ASP A 174 -43.82 19.78 -9.93
C ASP A 174 -43.02 18.49 -10.00
N VAL A 175 -43.57 17.42 -9.41
CA VAL A 175 -42.97 16.09 -9.47
C VAL A 175 -43.58 15.33 -10.64
N LYS A 176 -42.75 14.97 -11.63
CA LYS A 176 -43.18 14.22 -12.80
C LYS A 176 -42.70 12.77 -12.66
N VAL A 177 -43.51 11.81 -13.12
CA VAL A 177 -43.17 10.41 -12.94
C VAL A 177 -43.21 9.72 -14.31
N GLU A 178 -42.25 8.83 -14.55
CA GLU A 178 -42.22 8.03 -15.77
C GLU A 178 -42.12 6.55 -15.38
N ARG A 179 -42.56 5.66 -16.28
CA ARG A 179 -42.59 4.23 -16.02
C ARG A 179 -41.79 3.53 -17.11
N ILE A 180 -40.87 2.64 -16.69
CA ILE A 180 -40.10 1.80 -17.59
C ILE A 180 -40.22 0.37 -17.09
N GLU A 181 -40.45 -0.57 -18.01
CA GLU A 181 -40.64 -1.95 -17.62
C GLU A 181 -39.51 -2.80 -18.21
N TYR A 182 -38.99 -3.76 -17.43
CA TYR A 182 -37.96 -4.68 -17.87
C TYR A 182 -38.35 -6.08 -17.45
N LYS A 183 -38.31 -7.04 -18.40
CA LYS A 183 -38.57 -8.44 -18.10
C LYS A 183 -37.29 -9.23 -18.32
N LYS A 184 -37.01 -10.18 -17.43
CA LYS A 184 -35.85 -11.04 -17.58
C LYS A 184 -36.00 -11.89 -18.83
N PRO A 185 -34.94 -12.06 -19.64
CA PRO A 185 -35.00 -12.96 -20.80
C PRO A 185 -35.29 -14.40 -20.40
N HIS B 3 34.58 -13.30 38.76
CA HIS B 3 34.79 -14.13 37.54
C HIS B 3 33.45 -14.72 37.08
N MET B 4 33.13 -14.55 35.79
CA MET B 4 31.84 -14.94 35.25
C MET B 4 32.00 -15.60 33.87
N LEU B 5 31.36 -16.77 33.68
CA LEU B 5 31.23 -17.38 32.37
C LEU B 5 29.85 -17.07 31.79
N VAL B 6 29.82 -16.57 30.55
CA VAL B 6 28.57 -16.14 29.93
C VAL B 6 28.44 -16.78 28.55
N LEU B 7 27.36 -17.55 28.36
CA LEU B 7 27.06 -18.17 27.08
C LEU B 7 26.35 -17.16 26.18
N VAL B 8 26.79 -17.06 24.92
CA VAL B 8 26.23 -16.13 23.95
C VAL B 8 25.85 -16.90 22.70
N LEU B 9 24.54 -16.90 22.38
CA LEU B 9 24.04 -17.68 21.25
C LEU B 9 22.70 -17.13 20.79
N GLY B 10 22.29 -17.59 19.61
CA GLY B 10 20.95 -17.33 19.11
C GLY B 10 20.79 -17.76 17.66
N ASP B 11 19.69 -17.31 17.05
CA ASP B 11 19.35 -17.62 15.67
C ASP B 11 19.27 -19.13 15.50
N LEU B 12 18.64 -19.78 16.48
CA LEU B 12 18.36 -21.21 16.48
C LEU B 12 17.38 -21.57 15.37
N HIS B 13 16.29 -20.81 15.30
CA HIS B 13 15.29 -20.95 14.24
C HIS B 13 14.65 -22.33 14.29
N ILE B 14 14.39 -22.84 15.50
CA ILE B 14 13.67 -24.09 15.69
C ILE B 14 12.19 -23.78 15.93
N PRO B 15 11.22 -24.40 15.22
CA PRO B 15 11.48 -25.39 14.17
C PRO B 15 11.48 -24.92 12.71
N HIS B 16 11.51 -23.61 12.48
CA HIS B 16 11.36 -23.03 11.16
C HIS B 16 12.41 -23.51 10.17
N ARG B 17 13.66 -23.58 10.63
CA ARG B 17 14.79 -23.81 9.73
C ARG B 17 15.60 -25.02 10.18
N CYS B 18 15.44 -25.42 11.44
CA CYS B 18 16.25 -26.47 12.04
CA CYS B 18 16.23 -26.50 12.00
C CYS B 18 15.43 -27.15 13.12
N ASN B 19 15.87 -28.35 13.54
CA ASN B 19 15.11 -29.20 14.43
C ASN B 19 15.72 -29.13 15.83
N SER B 20 17.05 -28.97 15.89
CA SER B 20 17.73 -28.93 17.16
C SER B 20 19.17 -28.46 16.99
N LEU B 21 19.86 -28.30 18.12
CA LEU B 21 21.28 -28.00 18.10
C LEU B 21 22.03 -29.24 17.68
N PRO B 22 23.24 -29.11 17.09
CA PRO B 22 24.06 -30.27 16.76
C PRO B 22 24.34 -31.06 18.05
N ALA B 23 24.52 -32.37 17.90
CA ALA B 23 24.73 -33.24 19.04
C ALA B 23 26.02 -32.84 19.78
N LYS B 24 27.05 -32.42 19.04
CA LYS B 24 28.34 -32.08 19.62
C LYS B 24 28.25 -30.82 20.46
N PHE B 25 27.40 -29.86 20.06
CA PHE B 25 27.19 -28.65 20.84
C PHE B 25 26.44 -28.97 22.13
N LYS B 26 25.39 -29.81 22.03
CA LYS B 26 24.62 -30.19 23.19
C LYS B 26 25.53 -30.85 24.23
N LYS B 27 26.48 -31.65 23.74
CA LYS B 27 27.44 -32.36 24.57
C LYS B 27 28.33 -31.38 25.32
N LEU B 28 28.74 -30.30 24.64
CA LEU B 28 29.61 -29.27 25.21
C LEU B 28 28.82 -28.38 26.18
N LEU B 29 27.50 -28.22 25.98
CA LEU B 29 26.72 -27.32 26.81
C LEU B 29 26.09 -28.10 27.97
N VAL B 30 26.74 -27.99 29.14
CA VAL B 30 26.39 -28.77 30.31
C VAL B 30 25.93 -27.85 31.44
N PRO B 31 24.88 -28.24 32.22
CA PRO B 31 24.41 -27.42 33.33
C PRO B 31 25.48 -27.20 34.40
N GLY B 32 25.32 -26.14 35.20
CA GLY B 32 26.15 -25.94 36.38
C GLY B 32 27.49 -25.28 36.06
N LYS B 33 27.81 -25.07 34.78
CA LYS B 33 29.01 -24.37 34.39
C LYS B 33 28.73 -22.88 34.16
N ILE B 34 27.62 -22.57 33.49
CA ILE B 34 27.35 -21.22 33.02
C ILE B 34 26.50 -20.45 34.03
N GLN B 35 26.81 -19.17 34.20
CA GLN B 35 26.12 -18.29 35.14
C GLN B 35 25.06 -17.46 34.42
N HIS B 36 25.47 -16.81 33.31
CA HIS B 36 24.57 -15.96 32.55
C HIS B 36 24.46 -16.50 31.13
N ILE B 37 23.27 -16.37 30.56
CA ILE B 37 23.05 -16.62 29.14
C ILE B 37 22.49 -15.35 28.52
N LEU B 38 23.13 -14.91 27.43
CA LEU B 38 22.68 -13.76 26.66
C LEU B 38 22.30 -14.27 25.27
N CYS B 39 21.02 -14.13 24.92
CA CYS B 39 20.51 -14.75 23.71
C CYS B 39 19.99 -13.69 22.77
N THR B 40 20.45 -13.72 21.52
CA THR B 40 20.11 -12.73 20.52
C THR B 40 18.71 -12.95 19.91
N GLY B 41 18.00 -14.03 20.30
CA GLY B 41 16.65 -14.28 19.86
C GLY B 41 16.55 -15.24 18.67
N ASN B 42 15.34 -15.28 18.09
CA ASN B 42 14.99 -16.24 17.04
C ASN B 42 15.23 -17.66 17.56
N LEU B 43 14.42 -18.06 18.56
CA LEU B 43 14.49 -19.35 19.22
C LEU B 43 13.94 -20.51 18.37
N CYS B 44 12.68 -20.49 17.89
CA CYS B 44 11.73 -19.39 17.95
C CYS B 44 10.52 -19.74 18.81
N THR B 45 10.63 -20.74 19.69
CA THR B 45 9.51 -21.16 20.54
C THR B 45 10.02 -21.37 21.97
N LYS B 46 9.05 -21.48 22.89
CA LYS B 46 9.28 -21.64 24.32
C LYS B 46 10.15 -22.86 24.61
N GLU B 47 10.00 -23.93 23.79
CA GLU B 47 10.81 -25.13 23.90
C GLU B 47 12.29 -24.77 24.06
N SER B 48 12.79 -23.90 23.18
CA SER B 48 14.20 -23.55 23.17
C SER B 48 14.59 -22.75 24.42
N TYR B 49 13.66 -21.91 24.89
CA TYR B 49 13.83 -21.15 26.12
C TYR B 49 13.97 -22.12 27.29
N ASP B 50 13.16 -23.19 27.28
CA ASP B 50 13.14 -24.18 28.36
C ASP B 50 14.49 -24.89 28.42
N TYR B 51 15.03 -25.20 27.25
CA TYR B 51 16.37 -25.77 27.15
C TYR B 51 17.41 -24.83 27.77
N LEU B 52 17.36 -23.53 27.42
CA LEU B 52 18.35 -22.58 27.90
C LEU B 52 18.28 -22.51 29.43
N LYS B 53 17.07 -22.63 29.99
CA LYS B 53 16.83 -22.55 31.41
C LYS B 53 17.48 -23.72 32.15
N THR B 54 17.74 -24.81 31.45
CA THR B 54 18.45 -25.97 31.97
C THR B 54 19.93 -25.67 32.18
N LEU B 55 20.49 -24.79 31.34
CA LEU B 55 21.93 -24.56 31.35
C LEU B 55 22.31 -23.56 32.43
N ALA B 56 21.41 -22.60 32.71
CA ALA B 56 21.64 -21.56 33.69
C ALA B 56 20.32 -20.94 34.16
N GLY B 57 20.40 -20.21 35.28
CA GLY B 57 19.24 -19.55 35.85
C GLY B 57 19.04 -18.16 35.25
N ASP B 58 20.13 -17.43 35.04
CA ASP B 58 20.07 -16.06 34.53
C ASP B 58 20.10 -16.10 33.01
N VAL B 59 18.92 -15.96 32.40
CA VAL B 59 18.77 -15.99 30.95
C VAL B 59 18.17 -14.66 30.50
N HIS B 60 18.87 -13.99 29.59
CA HIS B 60 18.40 -12.76 28.97
C HIS B 60 18.17 -13.02 27.49
N ILE B 61 16.95 -12.71 27.01
CA ILE B 61 16.62 -12.87 25.61
C ILE B 61 16.05 -11.57 25.07
N VAL B 62 16.43 -11.25 23.83
CA VAL B 62 15.84 -10.16 23.08
C VAL B 62 15.08 -10.73 21.89
N ARG B 63 14.16 -9.96 21.33
CA ARG B 63 13.19 -10.46 20.39
C ARG B 63 13.78 -10.53 18.97
N GLY B 64 13.68 -11.71 18.37
CA GLY B 64 14.05 -11.89 16.97
C GLY B 64 12.86 -11.62 16.06
N ASP B 65 13.14 -11.47 14.76
CA ASP B 65 12.09 -11.20 13.78
C ASP B 65 11.07 -12.35 13.66
N PHE B 66 11.43 -13.57 14.08
CA PHE B 66 10.54 -14.71 13.92
C PHE B 66 10.11 -15.31 15.27
N ASP B 67 10.45 -14.65 16.38
CA ASP B 67 10.03 -15.12 17.70
C ASP B 67 8.51 -14.95 17.87
N GLU B 68 7.89 -16.02 18.39
CA GLU B 68 6.47 -16.06 18.70
C GLU B 68 6.15 -15.22 19.95
N ASN B 69 7.08 -15.19 20.91
CA ASN B 69 6.88 -14.55 22.20
C ASN B 69 7.15 -13.05 22.08
N LEU B 70 6.08 -12.28 21.86
CA LEU B 70 6.17 -10.84 21.69
C LEU B 70 6.63 -10.15 22.99
N ASN B 71 6.76 -10.91 24.09
CA ASN B 71 7.06 -10.31 25.39
C ASN B 71 8.56 -10.23 25.64
N TYR B 72 9.41 -10.63 24.69
CA TYR B 72 10.83 -10.38 24.85
C TYR B 72 11.11 -8.93 24.48
N PRO B 73 12.02 -8.23 25.18
CA PRO B 73 12.34 -6.85 24.84
C PRO B 73 13.08 -6.76 23.50
N GLU B 74 12.89 -5.62 22.85
CA GLU B 74 13.60 -5.30 21.61
C GLU B 74 15.11 -5.30 21.84
N GLN B 75 15.54 -4.83 23.01
CA GLN B 75 16.95 -4.67 23.31
C GLN B 75 17.15 -4.63 24.82
N LYS B 76 18.38 -4.84 25.23
CA LYS B 76 18.70 -4.89 26.65
C LYS B 76 20.10 -4.34 26.83
N VAL B 77 20.31 -3.71 27.98
CA VAL B 77 21.64 -3.39 28.46
C VAL B 77 21.78 -4.10 29.81
N VAL B 78 22.80 -4.96 29.90
CA VAL B 78 22.99 -5.77 31.08
C VAL B 78 24.42 -5.56 31.55
N THR B 79 24.58 -5.42 32.86
CA THR B 79 25.89 -5.18 33.42
C THR B 79 26.36 -6.47 34.06
N VAL B 80 27.54 -6.95 33.61
CA VAL B 80 28.16 -8.11 34.19
C VAL B 80 29.57 -7.70 34.59
N GLY B 81 29.78 -7.60 35.90
CA GLY B 81 31.04 -7.13 36.44
C GLY B 81 31.33 -5.71 36.00
N GLN B 82 32.48 -5.51 35.37
CA GLN B 82 32.92 -4.19 34.95
C GLN B 82 32.38 -3.81 33.57
N PHE B 83 31.67 -4.73 32.91
CA PHE B 83 31.26 -4.52 31.52
C PHE B 83 29.76 -4.21 31.45
N LYS B 84 29.49 -3.15 30.70
CA LYS B 84 28.15 -2.75 30.31
C LYS B 84 27.92 -3.37 28.93
N ILE B 85 26.94 -4.27 28.82
CA ILE B 85 26.79 -5.08 27.63
C ILE B 85 25.42 -4.81 27.01
N GLY B 86 25.41 -4.45 25.73
CA GLY B 86 24.19 -4.28 24.96
C GLY B 86 23.84 -5.57 24.22
N LEU B 87 22.53 -5.82 24.05
CA LEU B 87 22.04 -7.03 23.40
C LEU B 87 20.87 -6.69 22.48
N ILE B 88 21.01 -7.03 21.20
CA ILE B 88 19.95 -6.81 20.22
C ILE B 88 20.04 -7.90 19.17
N HIS B 89 18.90 -8.27 18.55
CA HIS B 89 18.90 -9.33 17.54
C HIS B 89 19.65 -8.87 16.30
N GLY B 90 19.35 -7.65 15.79
CA GLY B 90 20.16 -7.06 14.75
C GLY B 90 19.43 -6.82 13.44
N HIS B 91 18.17 -7.27 13.35
CA HIS B 91 17.35 -6.94 12.18
C HIS B 91 16.97 -5.45 12.16
N GLN B 92 17.18 -4.76 13.29
CA GLN B 92 16.93 -3.33 13.44
C GLN B 92 18.17 -2.50 13.09
N VAL B 93 19.32 -3.16 12.97
CA VAL B 93 20.54 -2.49 12.55
C VAL B 93 20.61 -2.54 11.04
N ILE B 94 20.51 -1.38 10.41
CA ILE B 94 20.45 -1.29 8.96
C ILE B 94 21.58 -0.38 8.47
N PRO B 95 22.33 -0.76 7.41
CA PRO B 95 22.29 -2.09 6.80
C PRO B 95 22.68 -3.21 7.76
N TRP B 96 22.06 -4.38 7.55
CA TRP B 96 22.33 -5.55 8.37
C TRP B 96 23.82 -5.84 8.39
N GLY B 97 24.35 -6.04 9.61
CA GLY B 97 25.71 -6.48 9.78
C GLY B 97 26.74 -5.36 9.62
N ASP B 98 26.31 -4.15 9.23
CA ASP B 98 27.27 -3.12 8.87
C ASP B 98 27.96 -2.61 10.13
N MET B 99 29.30 -2.60 10.13
CA MET B 99 30.08 -2.20 11.29
C MET B 99 29.77 -0.76 11.72
N ALA B 100 29.64 0.17 10.77
CA ALA B 100 29.36 1.54 11.11
C ALA B 100 27.98 1.69 11.75
N SER B 101 27.00 0.90 11.28
CA SER B 101 25.66 0.96 11.87
C SER B 101 25.67 0.36 13.27
N LEU B 102 26.50 -0.67 13.45
CA LEU B 102 26.68 -1.24 14.77
C LEU B 102 27.30 -0.19 15.70
N ALA B 103 28.24 0.57 15.17
CA ALA B 103 28.96 1.55 15.97
C ALA B 103 28.01 2.64 16.42
N LEU B 104 27.06 3.04 15.57
CA LEU B 104 26.15 4.10 15.97
C LEU B 104 25.24 3.60 17.10
N LEU B 105 24.93 2.29 17.13
CA LEU B 105 24.12 1.76 18.21
C LEU B 105 24.90 1.75 19.54
N GLN B 106 26.19 1.42 19.47
CA GLN B 106 27.06 1.44 20.64
C GLN B 106 27.12 2.83 21.28
N ARG B 107 27.12 3.87 20.44
CA ARG B 107 27.14 5.26 20.90
C ARG B 107 25.85 5.57 21.65
N GLN B 108 24.73 5.05 21.15
CA GLN B 108 23.42 5.29 21.75
C GLN B 108 23.27 4.49 23.06
N PHE B 109 23.66 3.22 23.05
CA PHE B 109 23.48 2.35 24.21
C PHE B 109 24.54 2.63 25.29
N ASP B 110 25.68 3.21 24.87
CA ASP B 110 26.79 3.51 25.75
C ASP B 110 27.32 2.23 26.40
N VAL B 111 27.73 1.26 25.58
CA VAL B 111 28.10 -0.06 26.08
C VAL B 111 29.57 -0.34 25.74
N ASP B 112 30.19 -1.16 26.59
CA ASP B 112 31.56 -1.60 26.37
C ASP B 112 31.59 -2.69 25.30
N ILE B 113 30.55 -3.54 25.30
CA ILE B 113 30.38 -4.65 24.37
C ILE B 113 28.96 -4.60 23.81
N LEU B 114 28.84 -4.83 22.50
CA LEU B 114 27.56 -4.96 21.84
C LEU B 114 27.47 -6.34 21.20
N ILE B 115 26.42 -7.08 21.61
CA ILE B 115 26.14 -8.41 21.09
C ILE B 115 24.94 -8.30 20.14
N SER B 116 25.11 -8.80 18.93
CA SER B 116 24.06 -8.77 17.92
C SER B 116 24.09 -10.08 17.12
N GLY B 117 23.00 -10.34 16.38
CA GLY B 117 22.92 -11.53 15.55
C GLY B 117 22.42 -11.23 14.13
N HIS B 118 21.48 -12.07 13.67
CA HIS B 118 20.71 -11.86 12.47
C HIS B 118 21.44 -12.29 11.21
N THR B 119 22.76 -12.09 11.14
CA THR B 119 23.54 -12.45 9.96
C THR B 119 23.85 -13.96 9.91
N HIS B 120 23.77 -14.65 11.05
CA HIS B 120 24.10 -16.07 11.17
C HIS B 120 25.58 -16.35 10.84
N LYS B 121 26.46 -15.38 11.16
CA LYS B 121 27.88 -15.51 10.90
C LYS B 121 28.65 -14.91 12.06
N PHE B 122 29.49 -15.75 12.69
CA PHE B 122 30.27 -15.35 13.85
C PHE B 122 31.14 -14.15 13.49
N GLU B 123 31.14 -13.15 14.38
CA GLU B 123 32.04 -12.01 14.28
C GLU B 123 32.48 -11.59 15.67
N ALA B 124 33.74 -11.17 15.80
CA ALA B 124 34.22 -10.56 17.02
C ALA B 124 35.31 -9.57 16.64
N PHE B 125 35.18 -8.31 17.07
CA PHE B 125 36.20 -7.34 16.75
C PHE B 125 36.14 -6.16 17.71
N GLU B 126 37.24 -5.40 17.72
CA GLU B 126 37.37 -4.17 18.46
C GLU B 126 37.35 -3.00 17.48
N HIS B 127 36.61 -1.94 17.84
CA HIS B 127 36.58 -0.72 17.05
C HIS B 127 36.47 0.44 18.03
N GLU B 128 37.40 1.39 17.92
CA GLU B 128 37.49 2.52 18.82
C GLU B 128 37.34 2.08 20.29
N ASN B 129 38.08 1.03 20.66
CA ASN B 129 38.20 0.57 22.04
C ASN B 129 36.92 -0.02 22.59
N LYS B 130 36.00 -0.42 21.71
CA LYS B 130 34.75 -1.04 22.09
C LYS B 130 34.65 -2.39 21.41
N PHE B 131 34.04 -3.37 22.07
CA PHE B 131 34.03 -4.74 21.56
C PHE B 131 32.65 -5.11 21.01
N TYR B 132 32.66 -5.87 19.90
CA TYR B 132 31.47 -6.30 19.19
C TYR B 132 31.50 -7.81 18.98
N ILE B 133 30.42 -8.50 19.38
CA ILE B 133 30.31 -9.95 19.26
C ILE B 133 28.99 -10.31 18.58
N ASN B 134 29.10 -11.16 17.56
CA ASN B 134 27.99 -11.87 16.96
C ASN B 134 28.31 -13.36 17.10
N PRO B 135 27.49 -14.12 17.87
CA PRO B 135 27.77 -15.55 18.07
C PRO B 135 27.48 -16.45 16.87
N GLY B 136 26.86 -15.88 15.83
CA GLY B 136 26.32 -16.66 14.74
C GLY B 136 25.05 -17.42 15.17
N SER B 137 24.65 -18.39 14.32
CA SER B 137 23.53 -19.28 14.60
C SER B 137 24.06 -20.56 15.25
N ALA B 138 23.51 -20.93 16.41
CA ALA B 138 23.95 -22.13 17.11
C ALA B 138 23.52 -23.41 16.40
N THR B 139 22.49 -23.33 15.54
CA THR B 139 22.01 -24.48 14.79
C THR B 139 22.53 -24.43 13.37
N GLY B 140 23.36 -23.43 13.05
CA GLY B 140 23.79 -23.19 11.67
C GLY B 140 22.61 -22.98 10.72
N ALA B 141 21.60 -22.21 11.16
CA ALA B 141 20.37 -22.06 10.39
C ALA B 141 20.58 -21.31 9.08
N TYR B 142 19.88 -21.81 8.05
CA TYR B 142 19.72 -21.19 6.75
C TYR B 142 19.52 -19.69 6.87
N ASN B 143 20.09 -19.01 5.88
CA ASN B 143 20.05 -17.57 5.71
C ASN B 143 20.32 -17.30 4.24
N ALA B 144 19.41 -16.57 3.58
CA ALA B 144 19.51 -16.36 2.15
C ALA B 144 20.82 -15.66 1.74
N LEU B 145 21.42 -14.88 2.65
CA LEU B 145 22.49 -13.96 2.30
C LEU B 145 23.87 -14.52 2.62
N GLU B 146 23.97 -15.75 3.14
CA GLU B 146 25.26 -16.28 3.53
C GLU B 146 25.43 -17.71 3.00
N THR B 147 26.53 -17.91 2.24
CA THR B 147 26.97 -19.24 1.84
C THR B 147 27.89 -19.74 2.95
N ASN B 148 27.87 -21.05 3.18
CA ASN B 148 28.63 -21.67 4.26
C ASN B 148 28.18 -21.10 5.60
N ILE B 149 27.02 -21.54 6.07
CA ILE B 149 26.64 -21.30 7.45
C ILE B 149 27.27 -22.38 8.32
N ILE B 150 27.99 -21.93 9.34
CA ILE B 150 28.68 -22.77 10.31
C ILE B 150 27.97 -22.62 11.65
N PRO B 151 27.51 -23.71 12.29
CA PRO B 151 27.00 -23.62 13.65
C PRO B 151 28.06 -23.03 14.57
N SER B 152 27.69 -22.00 15.34
CA SER B 152 28.62 -21.35 16.24
C SER B 152 27.91 -20.84 17.49
N PHE B 153 28.64 -20.80 18.59
CA PHE B 153 28.21 -20.04 19.74
C PHE B 153 29.48 -19.53 20.44
N VAL B 154 29.28 -18.70 21.46
CA VAL B 154 30.41 -18.06 22.14
C VAL B 154 30.25 -18.28 23.63
N LEU B 155 31.38 -18.45 24.33
CA LEU B 155 31.35 -18.24 25.77
C LEU B 155 32.43 -17.23 26.16
N MET B 156 31.93 -16.21 26.89
CA MET B 156 32.74 -15.10 27.38
C MET B 156 33.15 -15.45 28.80
N ASP B 157 34.46 -15.39 29.04
CA ASP B 157 35.04 -15.53 30.36
C ASP B 157 35.41 -14.14 30.87
N ILE B 158 34.56 -13.55 31.73
CA ILE B 158 34.72 -12.17 32.15
C ILE B 158 35.44 -12.12 33.49
N GLN B 159 36.67 -11.60 33.47
CA GLN B 159 37.51 -11.53 34.66
C GLN B 159 38.08 -10.12 34.79
N ALA B 160 37.52 -9.37 35.75
CA ALA B 160 37.95 -8.00 36.04
C ALA B 160 37.70 -7.15 34.81
N SER B 161 38.74 -6.52 34.26
CA SER B 161 38.60 -5.61 33.12
C SER B 161 39.00 -6.31 31.81
N THR B 162 38.98 -7.65 31.82
CA THR B 162 39.34 -8.44 30.65
C THR B 162 38.22 -9.42 30.37
N VAL B 163 37.96 -9.66 29.08
CA VAL B 163 37.04 -10.72 28.68
C VAL B 163 37.74 -11.55 27.62
N VAL B 164 37.87 -12.86 27.91
CA VAL B 164 38.35 -13.82 26.93
C VAL B 164 37.13 -14.49 26.32
N THR B 165 36.99 -14.39 25.00
CA THR B 165 35.80 -14.96 24.38
C THR B 165 36.25 -16.15 23.53
N TYR B 166 35.61 -17.30 23.79
CA TYR B 166 35.87 -18.50 23.04
C TYR B 166 34.73 -18.67 22.04
N VAL B 167 35.09 -18.79 20.76
CA VAL B 167 34.14 -19.08 19.72
C VAL B 167 34.28 -20.56 19.35
N TYR B 168 33.14 -21.26 19.40
CA TYR B 168 33.02 -22.66 19.03
C TYR B 168 32.32 -22.75 17.68
N GLN B 169 32.98 -23.41 16.73
CA GLN B 169 32.48 -23.57 15.38
C GLN B 169 32.46 -25.05 15.03
N LEU B 170 31.35 -25.54 14.47
CA LEU B 170 31.27 -26.91 13.98
C LEU B 170 31.66 -26.94 12.50
N ILE B 171 32.79 -27.61 12.22
CA ILE B 171 33.28 -27.81 10.85
C ILE B 171 33.41 -29.30 10.59
N GLY B 172 32.54 -29.82 9.72
CA GLY B 172 32.35 -31.26 9.58
C GLY B 172 31.76 -31.85 10.87
N ASP B 173 32.41 -32.84 11.45
CA ASP B 173 32.02 -33.36 12.74
C ASP B 173 33.05 -32.92 13.77
N ASP B 174 33.71 -31.78 13.51
CA ASP B 174 34.81 -31.34 14.34
C ASP B 174 34.50 -29.96 14.91
N VAL B 175 34.69 -29.80 16.22
CA VAL B 175 34.53 -28.53 16.90
C VAL B 175 35.87 -27.82 16.96
N LYS B 176 35.97 -26.64 16.32
CA LYS B 176 37.14 -25.80 16.39
C LYS B 176 36.91 -24.68 17.41
N VAL B 177 37.95 -24.30 18.15
CA VAL B 177 37.83 -23.26 19.15
C VAL B 177 38.86 -22.17 18.85
N GLU B 178 38.44 -20.91 19.00
CA GLU B 178 39.30 -19.76 18.76
C GLU B 178 39.18 -18.86 19.98
N ARG B 179 40.19 -18.01 20.21
CA ARG B 179 40.25 -17.16 21.40
C ARG B 179 40.41 -15.71 20.94
N ILE B 180 39.58 -14.84 21.51
CA ILE B 180 39.65 -13.41 21.28
C ILE B 180 39.68 -12.77 22.66
N GLU B 181 40.52 -11.75 22.85
CA GLU B 181 40.57 -11.08 24.12
C GLU B 181 40.25 -9.61 23.90
N TYR B 182 39.61 -9.03 24.92
CA TYR B 182 39.31 -7.61 24.92
C TYR B 182 39.57 -7.08 26.32
N LYS B 183 40.32 -5.97 26.41
CA LYS B 183 40.52 -5.28 27.69
C LYS B 183 39.82 -3.94 27.60
N LYS B 184 39.14 -3.56 28.70
CA LYS B 184 38.54 -2.24 28.80
C LYS B 184 39.63 -1.18 28.73
N PRO B 185 39.43 -0.07 27.97
CA PRO B 185 40.41 1.02 27.96
C PRO B 185 40.56 1.63 29.34
N VAL C 17 -23.90 24.69 8.95
CA VAL C 17 -22.52 24.35 8.45
C VAL C 17 -22.20 25.30 7.29
N GLY C 18 -21.31 24.87 6.39
CA GLY C 18 -21.04 25.59 5.16
C GLY C 18 -22.13 25.36 4.13
N ARG C 19 -23.00 24.36 4.34
CA ARG C 19 -24.16 24.17 3.48
C ARG C 19 -25.07 25.39 3.49
N PHE C 20 -24.79 26.37 4.36
CA PHE C 20 -25.53 27.61 4.38
C PHE C 20 -25.43 28.32 3.03
N ILE C 21 -24.22 28.36 2.47
CA ILE C 21 -23.92 29.06 1.23
C ILE C 21 -24.83 28.56 0.11
N HIS C 22 -25.23 27.29 0.15
CA HIS C 22 -26.08 26.74 -0.90
C HIS C 22 -27.48 27.36 -0.85
N LEU C 23 -27.90 27.88 0.30
CA LEU C 23 -29.20 28.51 0.43
C LEU C 23 -29.18 29.93 -0.15
N LEU C 24 -28.00 30.51 -0.39
CA LEU C 24 -27.89 31.88 -0.89
C LEU C 24 -27.70 31.89 -2.41
N ARG C 25 -28.76 32.24 -3.16
CA ARG C 25 -28.64 32.37 -4.60
C ARG C 25 -29.20 33.73 -5.03
N SER C 26 -28.29 34.72 -5.05
CA SER C 26 -28.55 35.98 -5.71
C SER C 26 -28.82 35.73 -7.19
N GLU C 27 -29.78 36.47 -7.75
CA GLU C 27 -30.03 36.49 -9.18
C GLU C 27 -28.87 37.11 -9.95
N ASP C 28 -28.14 38.03 -9.30
CA ASP C 28 -27.02 38.73 -9.90
C ASP C 28 -25.70 38.02 -9.56
N PRO C 29 -24.95 37.53 -10.57
CA PRO C 29 -23.64 36.90 -10.31
C PRO C 29 -22.62 37.77 -9.57
N ASP C 30 -22.63 39.09 -9.77
CA ASP C 30 -21.71 39.96 -9.08
C ASP C 30 -21.99 39.95 -7.57
N GLN C 31 -23.26 39.84 -7.16
CA GLN C 31 -23.64 39.80 -5.76
C GLN C 31 -23.24 38.47 -5.15
N GLN C 32 -23.42 37.38 -5.92
CA GLN C 32 -22.97 36.05 -5.54
C GLN C 32 -21.48 36.04 -5.19
N TYR C 33 -20.65 36.68 -6.02
CA TYR C 33 -19.22 36.74 -5.80
C TYR C 33 -18.92 37.34 -4.43
N LEU C 34 -19.52 38.51 -4.12
CA LEU C 34 -19.33 39.20 -2.86
C LEU C 34 -19.72 38.28 -1.71
N ILE C 35 -20.91 37.67 -1.81
CA ILE C 35 -21.40 36.70 -0.82
C ILE C 35 -20.35 35.63 -0.56
N LEU C 36 -19.81 35.06 -1.65
CA LEU C 36 -18.83 33.99 -1.54
C LEU C 36 -17.60 34.48 -0.80
N ASN C 37 -17.12 35.68 -1.15
CA ASN C 37 -15.89 36.20 -0.56
C ASN C 37 -16.10 36.53 0.91
N THR C 38 -17.28 37.04 1.31
CA THR C 38 -17.46 37.39 2.70
C THR C 38 -17.58 36.12 3.54
N ALA C 39 -18.14 35.05 2.94
CA ALA C 39 -18.23 33.74 3.60
C ALA C 39 -16.83 33.15 3.82
N ARG C 40 -15.95 33.25 2.82
CA ARG C 40 -14.64 32.66 2.95
C ARG C 40 -13.86 33.36 4.06
N LYS C 41 -14.05 34.68 4.16
CA LYS C 41 -13.27 35.50 5.08
C LYS C 41 -13.77 35.24 6.50
N HIS C 42 -15.07 34.94 6.62
CA HIS C 42 -15.65 34.55 7.89
C HIS C 42 -15.00 33.28 8.43
N PHE C 43 -14.71 32.32 7.54
CA PHE C 43 -14.07 31.07 7.93
C PHE C 43 -12.53 31.23 7.79
N GLY C 47 -10.54 28.45 12.93
CA GLY C 47 -9.67 27.29 13.21
C GLY C 47 -9.50 26.40 11.99
N ASN C 48 -8.46 25.55 12.02
CA ASN C 48 -8.06 24.69 10.92
C ASN C 48 -8.74 23.32 10.95
N GLN C 49 -9.50 23.04 12.01
CA GLN C 49 -10.19 21.75 12.14
C GLN C 49 -11.51 21.79 11.35
N ARG C 50 -12.16 22.96 11.40
CA ARG C 50 -13.52 23.10 10.91
C ARG C 50 -13.53 23.14 9.37
N ILE C 51 -12.44 23.60 8.75
CA ILE C 51 -12.44 23.94 7.34
C ILE C 51 -12.54 22.71 6.42
N ARG C 52 -12.36 21.48 6.95
CA ARG C 52 -12.58 20.30 6.13
C ARG C 52 -14.03 20.26 5.65
N PHE C 53 -14.96 20.80 6.45
CA PHE C 53 -16.39 20.75 6.15
C PHE C 53 -16.91 22.10 5.66
N THR C 54 -16.13 23.17 5.86
CA THR C 54 -16.62 24.52 5.72
C THR C 54 -16.18 25.13 4.39
N LEU C 55 -14.97 24.77 3.90
CA LEU C 55 -14.41 25.40 2.70
C LEU C 55 -14.83 24.69 1.41
N PRO C 56 -14.94 23.36 1.32
CA PRO C 56 -15.29 22.73 0.05
C PRO C 56 -16.60 23.23 -0.57
N PRO C 57 -17.68 23.46 0.22
CA PRO C 57 -18.90 24.03 -0.34
C PRO C 57 -18.64 25.34 -1.06
N LEU C 58 -17.70 26.13 -0.53
CA LEU C 58 -17.34 27.41 -1.13
C LEU C 58 -16.67 27.19 -2.49
N VAL C 59 -15.86 26.12 -2.58
CA VAL C 59 -15.18 25.78 -3.82
C VAL C 59 -16.20 25.39 -4.91
N PHE C 60 -17.19 24.57 -4.54
CA PHE C 60 -18.21 24.15 -5.48
C PHE C 60 -19.11 25.32 -5.84
N ALA C 61 -19.43 26.18 -4.86
CA ALA C 61 -20.19 27.40 -5.17
C ALA C 61 -19.43 28.28 -6.16
N ALA C 62 -18.11 28.41 -5.98
CA ALA C 62 -17.29 29.17 -6.91
C ALA C 62 -17.40 28.59 -8.32
N TYR C 63 -17.27 27.27 -8.47
CA TYR C 63 -17.35 26.64 -9.80
C TYR C 63 -18.72 26.92 -10.43
N GLN C 64 -19.78 26.77 -9.62
CA GLN C 64 -21.15 27.04 -10.04
C GLN C 64 -21.25 28.49 -10.58
N LEU C 65 -20.66 29.44 -9.85
CA LEU C 65 -20.71 30.84 -10.24
C LEU C 65 -20.01 31.08 -11.59
N ALA C 66 -18.90 30.38 -11.83
CA ALA C 66 -18.16 30.53 -13.09
C ALA C 66 -19.05 30.18 -14.28
N PHE C 67 -19.83 29.10 -14.15
CA PHE C 67 -20.76 28.71 -15.21
C PHE C 67 -21.83 29.79 -15.40
N ARG C 68 -22.31 30.37 -14.30
CA ARG C 68 -23.22 31.52 -14.37
C ARG C 68 -22.64 32.67 -15.19
N TYR C 69 -21.33 32.93 -15.07
CA TYR C 69 -20.70 34.01 -15.79
C TYR C 69 -20.61 33.69 -17.28
N LYS C 70 -20.38 32.42 -17.61
CA LYS C 70 -20.32 31.98 -19.00
C LYS C 70 -21.71 32.16 -19.62
N GLU C 71 -22.74 31.79 -18.85
CA GLU C 71 -24.10 31.87 -19.36
C GLU C 71 -24.47 33.34 -19.56
N ASN C 72 -23.71 34.26 -18.95
CA ASN C 72 -23.91 35.68 -19.13
C ASN C 72 -22.90 36.30 -20.10
N SER C 73 -22.24 35.48 -20.93
CA SER C 73 -21.16 35.97 -21.77
C SER C 73 -21.62 37.04 -22.77
N LYS C 74 -22.87 36.93 -23.26
CA LYS C 74 -23.38 37.84 -24.28
C LYS C 74 -23.72 39.21 -23.69
N VAL C 75 -23.84 39.29 -22.36
CA VAL C 75 -24.37 40.44 -21.66
C VAL C 75 -23.35 41.06 -20.69
N ASP C 76 -22.27 40.34 -20.36
CA ASP C 76 -21.29 40.81 -19.40
C ASP C 76 -19.92 40.87 -20.08
N ASP C 77 -19.52 42.10 -20.40
CA ASP C 77 -18.27 42.47 -21.04
C ASP C 77 -17.06 41.89 -20.30
N LYS C 78 -17.23 41.68 -19.00
CA LYS C 78 -16.13 41.38 -18.10
C LYS C 78 -16.19 39.93 -17.60
N TRP C 79 -16.93 39.05 -18.30
CA TRP C 79 -17.20 37.72 -17.76
C TRP C 79 -15.91 36.89 -17.66
N GLU C 80 -15.02 37.02 -18.65
CA GLU C 80 -13.78 36.27 -18.67
C GLU C 80 -12.91 36.63 -17.46
N LYS C 81 -12.84 37.93 -17.13
CA LYS C 81 -11.99 38.41 -16.04
C LYS C 81 -12.52 37.89 -14.70
N LYS C 82 -13.84 37.86 -14.56
CA LYS C 82 -14.49 37.35 -13.36
C LYS C 82 -14.22 35.86 -13.18
N CYS C 83 -14.22 35.12 -14.30
CA CYS C 83 -13.91 33.70 -14.27
C CYS C 83 -12.47 33.48 -13.79
N GLN C 84 -11.54 34.30 -14.27
CA GLN C 84 -10.17 34.23 -13.80
C GLN C 84 -10.14 34.43 -12.28
N LYS C 85 -10.87 35.44 -11.78
CA LYS C 85 -10.87 35.74 -10.35
C LYS C 85 -11.42 34.56 -9.57
N ILE C 86 -12.48 33.93 -10.10
CA ILE C 86 -13.15 32.85 -9.39
C ILE C 86 -12.21 31.65 -9.24
N PHE C 87 -11.42 31.37 -10.28
CA PHE C 87 -10.53 30.23 -10.24
C PHE C 87 -9.35 30.51 -9.33
N SER C 88 -8.94 31.79 -9.22
CA SER C 88 -7.91 32.19 -8.27
C SER C 88 -8.42 31.92 -6.85
N PHE C 89 -9.63 32.40 -6.58
CA PHE C 89 -10.27 32.18 -5.29
C PHE C 89 -10.35 30.68 -4.95
N ALA C 90 -10.73 29.84 -5.92
CA ALA C 90 -10.87 28.41 -5.66
C ALA C 90 -9.49 27.81 -5.38
N HIS C 91 -8.50 28.16 -6.21
CA HIS C 91 -7.12 27.69 -6.05
C HIS C 91 -6.62 27.97 -4.63
N GLN C 92 -6.88 29.20 -4.17
CA GLN C 92 -6.42 29.66 -2.87
C GLN C 92 -7.19 29.00 -1.74
N THR C 93 -8.48 28.76 -1.95
CA THR C 93 -9.29 28.09 -0.94
C THR C 93 -8.87 26.63 -0.79
N ILE C 94 -8.59 25.96 -1.92
CA ILE C 94 -8.15 24.56 -1.88
C ILE C 94 -6.79 24.52 -1.19
N SER C 95 -5.91 25.47 -1.53
CA SER C 95 -4.58 25.51 -0.92
C SER C 95 -4.66 25.58 0.62
N ALA C 96 -5.67 26.28 1.15
CA ALA C 96 -5.83 26.37 2.59
C ALA C 96 -6.06 25.00 3.20
N LEU C 97 -6.79 24.13 2.50
CA LEU C 97 -7.06 22.78 2.97
C LEU C 97 -5.78 21.93 2.99
N ILE C 98 -4.91 22.13 1.98
CA ILE C 98 -3.63 21.43 1.90
C ILE C 98 -2.80 21.78 3.13
N LYS C 99 -2.71 23.09 3.40
CA LYS C 99 -1.98 23.61 4.56
C LYS C 99 -2.48 22.95 5.84
N ALA C 100 -3.78 22.63 5.88
CA ALA C 100 -4.41 22.01 7.03
C ALA C 100 -4.18 20.49 7.06
N GLU C 101 -3.23 20.01 6.24
CA GLU C 101 -2.75 18.63 6.20
C GLU C 101 -3.78 17.65 5.64
N LEU C 102 -4.49 18.11 4.62
CA LEU C 102 -5.35 17.25 3.82
C LEU C 102 -4.76 17.09 2.42
N ALA C 103 -5.01 15.93 1.81
CA ALA C 103 -4.48 15.58 0.51
C ALA C 103 -5.57 15.05 -0.41
N GLU C 104 -6.36 14.08 0.07
CA GLU C 104 -7.30 13.36 -0.79
C GLU C 104 -8.36 14.30 -1.34
N LEU C 105 -8.93 15.13 -0.47
CA LEU C 105 -10.04 16.00 -0.83
C LEU C 105 -9.52 17.15 -1.69
N PRO C 106 -8.42 17.86 -1.32
CA PRO C 106 -7.87 18.89 -2.20
C PRO C 106 -7.53 18.42 -3.62
N LEU C 107 -6.95 17.21 -3.73
CA LEU C 107 -6.67 16.59 -5.02
C LEU C 107 -7.95 16.55 -5.86
N ARG C 108 -9.02 16.02 -5.26
CA ARG C 108 -10.29 15.90 -5.97
C ARG C 108 -10.84 17.28 -6.32
N LEU C 109 -10.68 18.27 -5.43
CA LEU C 109 -11.22 19.60 -5.70
C LEU C 109 -10.48 20.24 -6.86
N PHE C 110 -9.19 19.91 -6.99
CA PHE C 110 -8.37 20.45 -8.06
C PHE C 110 -8.82 19.84 -9.37
N LEU C 111 -9.04 18.52 -9.38
CA LEU C 111 -9.56 17.86 -10.55
C LEU C 111 -10.88 18.49 -11.00
N GLN C 112 -11.79 18.74 -10.05
CA GLN C 112 -13.07 19.35 -10.38
C GLN C 112 -12.83 20.74 -10.95
N GLY C 113 -11.83 21.45 -10.43
CA GLY C 113 -11.54 22.78 -10.93
C GLY C 113 -11.03 22.75 -12.37
N ALA C 114 -10.16 21.78 -12.66
CA ALA C 114 -9.68 21.59 -14.01
C ALA C 114 -10.84 21.29 -14.96
N LEU C 115 -11.76 20.42 -14.54
CA LEU C 115 -12.95 20.10 -15.32
C LEU C 115 -13.71 21.37 -15.66
N ALA C 116 -14.05 22.15 -14.62
CA ALA C 116 -14.87 23.33 -14.79
C ALA C 116 -14.18 24.31 -15.74
N ALA C 117 -12.89 24.57 -15.50
CA ALA C 117 -12.14 25.53 -16.30
C ALA C 117 -12.08 25.05 -17.75
N GLY C 118 -11.88 23.74 -17.93
CA GLY C 118 -11.88 23.15 -19.25
C GLY C 118 -13.16 23.46 -20.02
N GLU C 119 -14.30 23.36 -19.33
CA GLU C 119 -15.60 23.50 -19.96
C GLU C 119 -15.94 24.96 -20.29
N ILE C 120 -15.34 25.94 -19.57
CA ILE C 120 -15.70 27.34 -19.71
C ILE C 120 -14.60 28.03 -20.54
N GLY C 121 -14.93 28.49 -21.74
CA GLY C 121 -13.88 28.93 -22.66
C GLY C 121 -13.42 30.38 -22.41
N PHE C 122 -13.13 30.73 -21.15
CA PHE C 122 -12.66 32.08 -20.85
C PHE C 122 -11.17 32.17 -21.21
N GLU C 123 -10.67 33.41 -21.33
CA GLU C 123 -9.30 33.63 -21.76
C GLU C 123 -8.35 32.99 -20.75
N ASN C 124 -7.45 32.12 -21.26
CA ASN C 124 -6.47 31.38 -20.47
C ASN C 124 -7.08 30.22 -19.68
N HIS C 125 -8.28 29.75 -20.05
CA HIS C 125 -8.88 28.63 -19.34
C HIS C 125 -7.96 27.41 -19.43
N GLU C 126 -7.27 27.25 -20.55
CA GLU C 126 -6.37 26.13 -20.74
C GLU C 126 -5.25 26.14 -19.71
N THR C 127 -4.62 27.31 -19.53
CA THR C 127 -3.56 27.47 -18.55
C THR C 127 -4.07 27.15 -17.15
N VAL C 128 -5.26 27.65 -16.80
CA VAL C 128 -5.85 27.39 -15.50
C VAL C 128 -6.15 25.90 -15.34
N ALA C 129 -6.74 25.28 -16.36
CA ALA C 129 -7.03 23.85 -16.31
C ALA C 129 -5.76 23.04 -16.06
N TYR C 130 -4.69 23.43 -16.75
CA TYR C 130 -3.40 22.74 -16.62
C TYR C 130 -2.81 22.90 -15.23
N GLU C 131 -2.93 24.09 -14.63
CA GLU C 131 -2.43 24.33 -13.29
C GLU C 131 -3.17 23.46 -12.29
N PHE C 132 -4.50 23.36 -12.46
CA PHE C 132 -5.35 22.59 -11.56
C PHE C 132 -4.94 21.11 -11.63
N MET C 133 -4.74 20.60 -12.85
CA MET C 133 -4.28 19.22 -13.03
C MET C 133 -2.91 18.99 -12.40
N SER C 134 -1.99 19.97 -12.50
CA SER C 134 -0.65 19.85 -11.92
C SER C 134 -0.73 19.76 -10.41
N GLN C 135 -1.55 20.63 -9.82
CA GLN C 135 -1.71 20.61 -8.38
C GLN C 135 -2.17 19.21 -7.94
N ALA C 136 -3.08 18.62 -8.72
CA ALA C 136 -3.60 17.29 -8.42
C ALA C 136 -2.46 16.29 -8.45
N PHE C 137 -1.65 16.34 -9.51
CA PHE C 137 -0.53 15.43 -9.66
C PHE C 137 0.49 15.63 -8.53
N SER C 138 0.71 16.89 -8.10
CA SER C 138 1.65 17.15 -7.02
C SER C 138 1.22 16.46 -5.73
N LEU C 139 -0.06 16.63 -5.35
CA LEU C 139 -0.62 15.97 -4.18
C LEU C 139 -0.54 14.44 -4.34
N TYR C 140 -0.79 13.94 -5.56
CA TYR C 140 -0.70 12.52 -5.84
C TYR C 140 0.69 12.00 -5.47
N GLU C 141 1.74 12.65 -6.01
CA GLU C 141 3.11 12.19 -5.85
C GLU C 141 3.61 12.32 -4.42
N ASP C 142 3.20 13.36 -3.70
CA ASP C 142 3.84 13.71 -2.44
C ASP C 142 3.10 13.15 -1.22
N GLU C 143 1.76 13.04 -1.26
CA GLU C 143 1.00 12.81 -0.03
C GLU C 143 0.13 11.55 -0.04
N ILE C 144 -0.07 10.92 -1.21
CA ILE C 144 -0.96 9.76 -1.31
C ILE C 144 -0.13 8.49 -1.12
N SER C 145 -0.27 7.86 0.05
CA SER C 145 0.70 6.92 0.59
C SER C 145 0.31 5.47 0.33
N ASP C 146 -0.97 5.15 0.44
CA ASP C 146 -1.43 3.77 0.45
C ASP C 146 -1.76 3.34 -0.97
N SER C 147 -1.48 2.09 -1.34
CA SER C 147 -1.79 1.52 -2.64
C SER C 147 -3.27 1.68 -3.04
N LYS C 148 -4.20 1.48 -2.10
CA LYS C 148 -5.62 1.66 -2.36
C LYS C 148 -5.93 3.12 -2.70
N ALA C 149 -5.47 4.04 -1.86
CA ALA C 149 -5.70 5.46 -2.10
C ALA C 149 -5.07 5.91 -3.42
N GLN C 150 -3.88 5.39 -3.74
CA GLN C 150 -3.18 5.78 -4.95
C GLN C 150 -3.98 5.32 -6.17
N LEU C 151 -4.47 4.08 -6.14
CA LEU C 151 -5.20 3.53 -7.27
C LEU C 151 -6.49 4.30 -7.45
N ALA C 152 -7.16 4.65 -6.35
CA ALA C 152 -8.36 5.47 -6.39
C ALA C 152 -8.05 6.83 -7.03
N ALA C 153 -6.95 7.46 -6.60
CA ALA C 153 -6.67 8.82 -7.03
C ALA C 153 -6.28 8.84 -8.51
N ILE C 154 -5.46 7.89 -8.94
CA ILE C 154 -5.04 7.87 -10.33
C ILE C 154 -6.24 7.58 -11.23
N THR C 155 -7.19 6.77 -10.75
CA THR C 155 -8.35 6.44 -11.56
C THR C 155 -9.17 7.70 -11.77
N LEU C 156 -9.30 8.50 -10.70
CA LEU C 156 -10.00 9.77 -10.78
C LEU C 156 -9.29 10.73 -11.71
N ILE C 157 -7.95 10.73 -11.67
CA ILE C 157 -7.18 11.65 -12.51
C ILE C 157 -7.44 11.31 -13.97
N ILE C 158 -7.26 10.03 -14.31
CA ILE C 158 -7.49 9.54 -15.66
C ILE C 158 -8.92 9.84 -16.11
N GLY C 159 -9.89 9.49 -15.26
CA GLY C 159 -11.29 9.67 -15.62
C GLY C 159 -11.66 11.13 -15.88
N THR C 160 -11.10 12.03 -15.06
CA THR C 160 -11.35 13.45 -15.24
C THR C 160 -10.75 13.91 -16.57
N PHE C 161 -9.47 13.55 -16.80
CA PHE C 161 -8.73 14.07 -17.93
C PHE C 161 -9.35 13.56 -19.25
N GLU C 162 -9.91 12.36 -19.21
CA GLU C 162 -10.48 11.72 -20.40
C GLU C 162 -11.69 12.51 -20.90
N ARG C 163 -12.42 13.17 -20.01
CA ARG C 163 -13.55 13.99 -20.39
C ARG C 163 -13.16 15.38 -20.88
N MET C 164 -11.90 15.80 -20.75
CA MET C 164 -11.57 17.20 -21.00
C MET C 164 -11.17 17.41 -22.46
N LYS C 165 -11.61 18.53 -23.06
CA LYS C 165 -11.38 18.75 -24.49
C LYS C 165 -10.66 20.08 -24.77
N CYS C 166 -10.08 20.69 -23.72
CA CYS C 166 -9.62 22.07 -23.81
C CYS C 166 -8.13 22.18 -24.14
N PHE C 167 -7.38 21.07 -24.13
CA PHE C 167 -5.94 21.15 -24.23
C PHE C 167 -5.50 20.97 -25.68
N SER C 168 -4.54 21.80 -26.12
CA SER C 168 -3.82 21.51 -27.36
C SER C 168 -2.98 20.25 -27.18
N GLU C 169 -2.47 19.70 -28.30
CA GLU C 169 -1.62 18.52 -28.25
C GLU C 169 -0.37 18.80 -27.42
N GLU C 170 0.14 20.04 -27.44
CA GLU C 170 1.40 20.29 -26.73
C GLU C 170 1.14 20.15 -25.23
N ASN C 171 -0.09 20.38 -24.76
CA ASN C 171 -0.40 20.26 -23.35
C ASN C 171 -1.00 18.90 -23.02
N HIS C 172 -1.66 18.28 -24.00
CA HIS C 172 -2.36 17.01 -23.79
C HIS C 172 -1.33 15.89 -23.61
N GLU C 173 -0.26 15.93 -24.39
CA GLU C 173 0.69 14.83 -24.43
C GLU C 173 1.38 14.69 -23.08
N PRO C 174 2.01 15.72 -22.48
CA PRO C 174 2.62 15.56 -21.15
C PRO C 174 1.68 14.98 -20.09
N LEU C 175 0.41 15.40 -20.06
CA LEU C 175 -0.57 14.88 -19.11
C LEU C 175 -0.86 13.41 -19.42
N ARG C 176 -1.03 13.11 -20.70
CA ARG C 176 -1.23 11.75 -21.16
C ARG C 176 -0.08 10.89 -20.62
N THR C 177 1.18 11.29 -20.89
CA THR C 177 2.30 10.43 -20.55
C THR C 177 2.50 10.40 -19.03
N GLN C 178 2.17 11.49 -18.34
CA GLN C 178 2.20 11.50 -16.88
C GLN C 178 1.20 10.49 -16.31
N CYS C 179 0.00 10.38 -16.89
CA CYS C 179 -0.97 9.42 -16.41
C CYS C 179 -0.42 8.01 -16.57
N ALA C 180 0.16 7.73 -17.75
CA ALA C 180 0.71 6.42 -18.07
C ALA C 180 1.88 6.10 -17.17
N LEU C 181 2.72 7.11 -16.88
CA LEU C 181 3.89 6.93 -16.06
C LEU C 181 3.44 6.58 -14.64
N ALA C 182 2.46 7.32 -14.10
CA ALA C 182 2.00 7.09 -12.74
C ALA C 182 1.37 5.69 -12.63
N ALA C 183 0.66 5.29 -13.67
CA ALA C 183 -0.03 4.01 -13.68
C ALA C 183 0.98 2.87 -13.62
N SER C 184 2.03 3.00 -14.42
CA SER C 184 3.06 1.99 -14.52
C SER C 184 3.89 1.87 -13.25
N LYS C 185 3.81 2.83 -12.31
CA LYS C 185 4.66 2.87 -11.13
C LYS C 185 3.92 2.58 -9.83
N LEU C 186 2.65 2.19 -9.90
CA LEU C 186 1.96 1.69 -8.73
C LEU C 186 2.72 0.47 -8.24
N LEU C 187 2.70 0.22 -6.93
CA LEU C 187 3.48 -0.88 -6.36
C LEU C 187 2.96 -2.21 -6.90
N LYS C 188 1.66 -2.49 -6.71
CA LYS C 188 1.08 -3.79 -6.99
C LYS C 188 0.86 -3.96 -8.50
N LYS C 189 1.28 -5.12 -9.03
CA LYS C 189 1.23 -5.42 -10.45
C LYS C 189 -0.21 -5.46 -10.94
N PRO C 190 -1.18 -6.00 -10.17
CA PRO C 190 -2.59 -5.92 -10.56
C PRO C 190 -3.06 -4.49 -10.77
N ASP C 191 -2.68 -3.61 -9.82
CA ASP C 191 -3.07 -2.22 -9.87
C ASP C 191 -2.49 -1.57 -11.11
N GLN C 192 -1.19 -1.76 -11.34
CA GLN C 192 -0.53 -1.26 -12.54
C GLN C 192 -1.29 -1.71 -13.78
N GLY C 193 -1.61 -3.00 -13.82
CA GLY C 193 -2.29 -3.61 -14.95
C GLY C 193 -3.60 -2.88 -15.23
N ARG C 194 -4.42 -2.73 -14.21
CA ARG C 194 -5.70 -2.06 -14.35
C ARG C 194 -5.51 -0.59 -14.74
N ALA C 195 -4.56 0.10 -14.12
CA ALA C 195 -4.41 1.53 -14.33
C ALA C 195 -3.88 1.81 -15.75
N VAL C 196 -2.89 1.01 -16.19
CA VAL C 196 -2.33 1.20 -17.52
C VAL C 196 -3.40 0.88 -18.57
N SER C 197 -4.25 -0.10 -18.25
CA SER C 197 -5.34 -0.51 -19.13
C SER C 197 -6.35 0.63 -19.27
N THR C 198 -6.67 1.29 -18.14
CA THR C 198 -7.60 2.41 -18.12
C THR C 198 -7.05 3.59 -18.92
N CYS C 199 -5.73 3.78 -18.98
CA CYS C 199 -5.15 4.87 -19.74
C CYS C 199 -5.38 4.72 -21.23
N ALA C 200 -5.71 3.51 -21.69
CA ALA C 200 -6.02 3.31 -23.09
C ALA C 200 -7.07 4.31 -23.58
N HIS C 201 -8.03 4.65 -22.71
CA HIS C 201 -9.13 5.52 -23.09
C HIS C 201 -8.67 6.95 -23.37
N LEU C 202 -7.51 7.35 -22.85
CA LEU C 202 -6.95 8.67 -23.13
C LEU C 202 -6.49 8.76 -24.58
N PHE C 203 -6.01 7.64 -25.13
CA PHE C 203 -5.45 7.64 -26.47
C PHE C 203 -6.58 7.50 -27.50
N TRP C 204 -7.75 7.04 -27.05
CA TRP C 204 -8.87 6.77 -27.93
C TRP C 204 -9.90 7.89 -27.87
N SER C 205 -10.53 8.08 -26.70
CA SER C 205 -11.71 8.92 -26.57
C SER C 205 -11.37 10.23 -25.87
N GLY C 206 -10.11 10.39 -25.44
CA GLY C 206 -9.59 11.70 -25.10
C GLY C 206 -9.67 12.61 -26.33
N ARG C 207 -9.74 13.93 -26.11
CA ARG C 207 -9.85 14.90 -27.20
C ARG C 207 -8.85 16.01 -26.96
N ASN C 208 -8.42 16.64 -28.06
CA ASN C 208 -7.60 17.84 -28.00
C ASN C 208 -8.18 18.87 -28.96
N THR C 209 -7.67 20.11 -28.88
CA THR C 209 -8.19 21.22 -29.68
C THR C 209 -7.66 21.10 -31.11
N ASP C 210 -6.42 20.59 -31.24
CA ASP C 210 -5.81 20.34 -32.54
C ASP C 210 -6.79 19.64 -33.49
N LYS C 211 -7.49 18.62 -32.99
CA LYS C 211 -8.37 17.81 -33.82
C LYS C 211 -9.78 18.37 -33.87
N ASN C 212 -9.94 19.64 -33.45
CA ASN C 212 -11.21 20.35 -33.49
C ASN C 212 -12.24 19.66 -32.58
N GLY C 213 -11.76 19.14 -31.45
CA GLY C 213 -12.62 18.58 -30.41
C GLY C 213 -13.05 17.14 -30.73
N GLU C 214 -12.58 16.59 -31.86
CA GLU C 214 -12.85 15.20 -32.17
C GLU C 214 -11.87 14.34 -31.36
N GLU C 215 -12.26 13.09 -31.08
CA GLU C 215 -11.49 12.14 -30.29
C GLU C 215 -10.18 11.76 -31.00
N LEU C 216 -9.14 11.44 -30.21
CA LEU C 216 -7.83 11.15 -30.76
C LEU C 216 -7.82 9.87 -31.62
N HIS C 217 -8.67 8.89 -31.26
CA HIS C 217 -8.71 7.59 -31.89
C HIS C 217 -7.29 7.11 -32.24
N GLY C 218 -6.39 7.14 -31.26
CA GLY C 218 -5.03 6.65 -31.41
C GLY C 218 -4.97 5.14 -31.20
N GLY C 219 -5.37 4.40 -32.23
CA GLY C 219 -5.75 2.99 -32.10
C GLY C 219 -4.55 2.15 -31.77
N LYS C 220 -3.43 2.47 -32.44
CA LYS C 220 -2.16 1.80 -32.21
C LYS C 220 -1.68 1.99 -30.77
N ARG C 221 -1.90 3.18 -30.19
CA ARG C 221 -1.41 3.48 -28.85
C ARG C 221 -2.25 2.76 -27.81
N VAL C 222 -3.55 2.63 -28.12
CA VAL C 222 -4.46 1.82 -27.32
C VAL C 222 -3.89 0.40 -27.20
N MET C 223 -3.42 -0.16 -28.32
CA MET C 223 -2.87 -1.51 -28.34
C MET C 223 -1.61 -1.60 -27.47
N GLU C 224 -0.73 -0.60 -27.54
CA GLU C 224 0.48 -0.59 -26.72
C GLU C 224 0.11 -0.66 -25.24
N CYS C 225 -0.89 0.13 -24.82
CA CYS C 225 -1.35 0.13 -23.44
C CYS C 225 -1.80 -1.27 -23.00
N LEU C 226 -2.71 -1.84 -23.80
CA LEU C 226 -3.28 -3.14 -23.47
C LEU C 226 -2.19 -4.21 -23.53
N LYS C 227 -1.24 -4.07 -24.46
CA LYS C 227 -0.11 -4.98 -24.54
C LYS C 227 0.69 -4.88 -23.24
N LYS C 228 0.97 -3.65 -22.78
CA LYS C 228 1.74 -3.45 -21.57
C LYS C 228 0.99 -4.06 -20.39
N ALA C 229 -0.34 -3.88 -20.34
CA ALA C 229 -1.15 -4.42 -19.26
C ALA C 229 -1.06 -5.94 -19.25
N LEU C 230 -1.04 -6.57 -20.44
CA LEU C 230 -0.88 -8.01 -20.54
C LEU C 230 0.48 -8.44 -20.01
N LYS C 231 1.55 -7.75 -20.46
CA LYS C 231 2.88 -8.06 -19.98
C LYS C 231 2.89 -8.01 -18.44
N ILE C 232 2.17 -7.04 -17.85
CA ILE C 232 2.15 -6.86 -16.42
C ILE C 232 1.35 -7.97 -15.76
N ALA C 233 0.23 -8.36 -16.37
CA ALA C 233 -0.60 -9.42 -15.81
C ALA C 233 0.17 -10.74 -15.84
N ASN C 234 1.06 -10.89 -16.82
CA ASN C 234 1.90 -12.07 -16.92
C ASN C 234 2.89 -12.17 -15.76
N GLN C 235 3.15 -11.06 -15.06
CA GLN C 235 4.15 -11.04 -14.00
C GLN C 235 3.50 -11.28 -12.64
N CYS C 236 2.16 -11.41 -12.59
CA CYS C 236 1.49 -11.69 -11.34
C CYS C 236 1.61 -13.17 -11.03
N MET C 237 1.99 -13.49 -9.79
CA MET C 237 2.21 -14.88 -9.45
C MET C 237 0.91 -15.52 -8.93
N ASP C 238 -0.02 -14.72 -8.39
CA ASP C 238 -1.30 -15.29 -8.03
C ASP C 238 -2.01 -15.74 -9.31
N PRO C 239 -2.28 -17.05 -9.50
CA PRO C 239 -2.92 -17.53 -10.72
C PRO C 239 -4.34 -17.01 -10.90
N SER C 240 -5.11 -16.98 -9.81
CA SER C 240 -6.48 -16.48 -9.87
C SER C 240 -6.49 -15.02 -10.33
N LEU C 241 -5.53 -14.25 -9.84
CA LEU C 241 -5.45 -12.83 -10.14
C LEU C 241 -5.01 -12.62 -11.58
N GLN C 242 -4.08 -13.45 -12.04
CA GLN C 242 -3.58 -13.34 -13.40
C GLN C 242 -4.69 -13.54 -14.42
N VAL C 243 -5.49 -14.60 -14.25
CA VAL C 243 -6.53 -14.94 -15.21
C VAL C 243 -7.62 -13.87 -15.15
N GLN C 244 -7.93 -13.39 -13.95
CA GLN C 244 -8.91 -12.33 -13.82
C GLN C 244 -8.49 -11.14 -14.68
N LEU C 245 -7.23 -10.69 -14.53
CA LEU C 245 -6.72 -9.57 -15.32
C LEU C 245 -6.82 -9.88 -16.80
N PHE C 246 -6.48 -11.12 -17.19
CA PHE C 246 -6.53 -11.50 -18.59
C PHE C 246 -7.94 -11.28 -19.13
N ILE C 247 -8.96 -11.66 -18.37
CA ILE C 247 -10.34 -11.54 -18.81
C ILE C 247 -10.74 -10.06 -18.85
N GLU C 248 -10.24 -9.27 -17.90
CA GLU C 248 -10.53 -7.83 -17.88
C GLU C 248 -9.97 -7.20 -19.15
N ILE C 249 -8.73 -7.56 -19.50
CA ILE C 249 -8.07 -6.97 -20.65
C ILE C 249 -8.76 -7.40 -21.96
N LEU C 250 -9.17 -8.66 -22.05
CA LEU C 250 -9.96 -9.17 -23.16
C LEU C 250 -11.19 -8.29 -23.39
N ASN C 251 -11.86 -7.97 -22.29
CA ASN C 251 -13.05 -7.14 -22.32
C ASN C 251 -12.69 -5.73 -22.79
N ARG C 252 -11.48 -5.27 -22.42
CA ARG C 252 -11.03 -3.95 -22.86
C ARG C 252 -10.76 -4.03 -24.36
N TYR C 253 -10.14 -5.12 -24.83
CA TYR C 253 -9.92 -5.33 -26.26
C TYR C 253 -11.26 -5.38 -27.01
N ILE C 254 -12.27 -6.03 -26.43
CA ILE C 254 -13.58 -6.14 -27.07
C ILE C 254 -14.22 -4.74 -27.16
N TYR C 255 -14.07 -3.94 -26.11
CA TYR C 255 -14.63 -2.59 -26.09
C TYR C 255 -14.09 -1.80 -27.29
N PHE C 256 -12.77 -1.86 -27.54
CA PHE C 256 -12.19 -1.05 -28.60
C PHE C 256 -12.52 -1.66 -29.96
N TYR C 257 -12.70 -2.97 -30.02
CA TYR C 257 -13.06 -3.63 -31.27
C TYR C 257 -14.39 -3.09 -31.76
N GLU C 258 -15.37 -3.07 -30.86
CA GLU C 258 -16.72 -2.66 -31.21
C GLU C 258 -16.79 -1.16 -31.44
N LYS C 259 -15.87 -0.39 -30.86
CA LYS C 259 -15.76 1.04 -31.15
C LYS C 259 -15.03 1.26 -32.47
N GLU C 260 -14.64 0.17 -33.15
CA GLU C 260 -14.14 0.25 -34.52
C GLU C 260 -12.69 0.75 -34.53
N ASN C 261 -11.91 0.31 -33.55
CA ASN C 261 -10.46 0.40 -33.58
C ASN C 261 -9.95 -0.71 -34.49
N ASP C 262 -9.40 -0.34 -35.66
CA ASP C 262 -8.96 -1.29 -36.68
C ASP C 262 -7.69 -2.01 -36.24
N ALA C 263 -7.04 -1.51 -35.16
CA ALA C 263 -5.78 -2.08 -34.70
C ALA C 263 -6.06 -3.32 -33.88
N VAL C 264 -7.27 -3.45 -33.32
CA VAL C 264 -7.64 -4.63 -32.56
C VAL C 264 -8.05 -5.71 -33.55
N THR C 265 -7.24 -6.78 -33.63
CA THR C 265 -7.44 -7.83 -34.63
C THR C 265 -8.07 -9.06 -33.98
N ILE C 266 -8.67 -9.89 -34.83
CA ILE C 266 -9.29 -11.12 -34.35
C ILE C 266 -8.20 -12.06 -33.81
N GLN C 267 -6.99 -12.02 -34.38
CA GLN C 267 -5.89 -12.85 -33.94
C GLN C 267 -5.57 -12.59 -32.47
N VAL C 268 -5.57 -11.29 -32.10
CA VAL C 268 -5.29 -10.88 -30.74
C VAL C 268 -6.41 -11.36 -29.80
N LEU C 269 -7.66 -11.18 -30.20
CA LEU C 269 -8.80 -11.62 -29.41
C LEU C 269 -8.75 -13.13 -29.16
N ASN C 270 -8.53 -13.89 -30.23
CA ASN C 270 -8.57 -15.34 -30.16
C ASN C 270 -7.39 -15.92 -29.38
N GLN C 271 -6.21 -15.29 -29.52
CA GLN C 271 -5.04 -15.75 -28.79
C GLN C 271 -5.30 -15.62 -27.30
N LEU C 272 -5.88 -14.48 -26.89
CA LEU C 272 -6.09 -14.19 -25.48
C LEU C 272 -7.18 -15.11 -24.94
N ILE C 273 -8.26 -15.28 -25.72
CA ILE C 273 -9.30 -16.24 -25.38
C ILE C 273 -8.68 -17.61 -25.13
N GLN C 274 -7.75 -18.01 -26.01
CA GLN C 274 -7.15 -19.35 -25.96
C GLN C 274 -6.28 -19.50 -24.70
N LYS C 275 -5.52 -18.45 -24.37
CA LYS C 275 -4.66 -18.45 -23.20
C LYS C 275 -5.52 -18.63 -21.95
N ILE C 276 -6.69 -17.98 -21.92
CA ILE C 276 -7.52 -18.03 -20.74
C ILE C 276 -8.09 -19.44 -20.59
N ARG C 277 -8.53 -20.03 -21.70
CA ARG C 277 -9.04 -21.39 -21.69
C ARG C 277 -7.97 -22.36 -21.21
N GLU C 278 -6.71 -22.10 -21.55
CA GLU C 278 -5.61 -22.94 -21.10
C GLU C 278 -5.44 -22.83 -19.59
N ASP C 279 -5.50 -21.63 -19.02
CA ASP C 279 -5.07 -21.42 -17.65
C ASP C 279 -6.22 -21.63 -16.66
N LEU C 280 -7.47 -21.58 -17.16
CA LEU C 280 -8.64 -21.48 -16.29
C LEU C 280 -8.86 -22.79 -15.54
N PRO C 281 -8.80 -23.96 -16.21
CA PRO C 281 -8.91 -25.25 -15.52
C PRO C 281 -7.87 -25.50 -14.41
N ASN C 282 -6.72 -24.80 -14.46
CA ASN C 282 -5.68 -24.96 -13.46
C ASN C 282 -6.08 -24.38 -12.11
N LEU C 283 -7.03 -23.43 -12.08
CA LEU C 283 -7.36 -22.71 -10.85
C LEU C 283 -7.91 -23.68 -9.80
N GLU C 284 -7.68 -23.32 -8.53
CA GLU C 284 -8.30 -23.99 -7.41
C GLU C 284 -9.80 -23.74 -7.42
N SER C 285 -10.59 -24.80 -7.14
CA SER C 285 -12.03 -24.73 -7.10
C SER C 285 -12.51 -23.91 -5.89
N SER C 286 -13.29 -22.84 -6.14
CA SER C 286 -13.75 -21.94 -5.10
C SER C 286 -14.88 -21.07 -5.65
N GLU C 287 -15.47 -20.27 -4.76
CA GLU C 287 -16.51 -19.31 -5.15
C GLU C 287 -15.87 -18.25 -6.05
N GLU C 288 -14.66 -17.80 -5.68
CA GLU C 288 -13.95 -16.77 -6.42
C GLU C 288 -13.66 -17.27 -7.83
N THR C 289 -13.33 -18.56 -7.94
CA THR C 289 -13.03 -19.18 -9.21
C THR C 289 -14.31 -19.28 -10.04
N GLU C 290 -15.46 -19.44 -9.37
CA GLU C 290 -16.71 -19.60 -10.08
C GLU C 290 -17.06 -18.28 -10.76
N GLN C 291 -16.74 -17.17 -10.10
CA GLN C 291 -17.05 -15.83 -10.60
C GLN C 291 -16.15 -15.47 -11.79
N ILE C 292 -14.89 -15.87 -11.72
CA ILE C 292 -13.96 -15.65 -12.82
C ILE C 292 -14.42 -16.44 -14.04
N ASN C 293 -14.90 -17.68 -13.81
CA ASN C 293 -15.45 -18.52 -14.87
C ASN C 293 -16.69 -17.90 -15.49
N LYS C 294 -17.58 -17.39 -14.65
CA LYS C 294 -18.80 -16.76 -15.15
C LYS C 294 -18.47 -15.50 -15.96
N HIS C 295 -17.45 -14.75 -15.51
CA HIS C 295 -17.05 -13.53 -16.22
C HIS C 295 -16.62 -13.91 -17.64
N PHE C 296 -15.77 -14.95 -17.74
CA PHE C 296 -15.31 -15.41 -19.03
C PHE C 296 -16.48 -15.95 -19.87
N HIS C 297 -17.35 -16.75 -19.27
CA HIS C 297 -18.50 -17.33 -19.97
C HIS C 297 -19.38 -16.21 -20.55
N ASN C 298 -19.66 -15.20 -19.72
CA ASN C 298 -20.40 -14.02 -20.13
C ASN C 298 -19.73 -13.28 -21.29
N THR C 299 -18.39 -13.23 -21.27
CA THR C 299 -17.65 -12.61 -22.35
C THR C 299 -17.88 -13.37 -23.67
N LEU C 300 -17.72 -14.69 -23.61
CA LEU C 300 -17.93 -15.54 -24.76
C LEU C 300 -19.36 -15.41 -25.31
N GLU C 301 -20.35 -15.44 -24.42
CA GLU C 301 -21.74 -15.29 -24.81
C GLU C 301 -21.95 -13.97 -25.55
N HIS C 302 -21.36 -12.87 -25.05
CA HIS C 302 -21.50 -11.58 -25.68
C HIS C 302 -20.98 -11.64 -27.13
N LEU C 303 -19.84 -12.29 -27.33
CA LEU C 303 -19.25 -12.36 -28.66
C LEU C 303 -20.09 -13.23 -29.60
N ARG C 304 -20.64 -14.33 -29.08
CA ARG C 304 -21.37 -15.30 -29.89
C ARG C 304 -22.79 -14.79 -30.26
N LEU C 305 -23.48 -14.18 -29.27
CA LEU C 305 -24.91 -13.89 -29.40
C LEU C 305 -25.12 -12.41 -29.70
N ARG C 306 -24.20 -11.54 -29.23
CA ARG C 306 -24.34 -10.09 -29.34
C ARG C 306 -25.72 -9.63 -28.83
N GLU D 13 2.83 -30.35 17.00
CA GLU D 13 3.20 -30.59 15.57
C GLU D 13 4.47 -29.83 15.17
N GLN D 14 5.00 -28.99 16.06
CA GLN D 14 6.22 -28.26 15.76
C GLN D 14 7.40 -29.23 15.68
N SER D 15 7.43 -30.18 16.63
CA SER D 15 8.45 -31.21 16.67
C SER D 15 8.26 -32.20 15.52
N LEU D 16 7.00 -32.41 15.10
CA LEU D 16 6.66 -33.31 14.02
C LEU D 16 7.29 -32.76 12.73
N VAL D 17 7.00 -31.48 12.43
CA VAL D 17 7.37 -30.89 11.16
C VAL D 17 8.88 -30.68 11.15
N GLY D 18 9.44 -30.34 12.31
CA GLY D 18 10.88 -30.16 12.45
C GLY D 18 11.63 -31.46 12.14
N ARG D 19 11.16 -32.55 12.75
CA ARG D 19 11.75 -33.87 12.55
C ARG D 19 11.60 -34.29 11.08
N PHE D 20 10.47 -33.90 10.47
CA PHE D 20 10.23 -34.25 9.08
C PHE D 20 11.27 -33.56 8.20
N ILE D 21 11.52 -32.27 8.43
CA ILE D 21 12.41 -31.50 7.57
C ILE D 21 13.84 -32.02 7.76
N HIS D 22 14.17 -32.44 8.98
CA HIS D 22 15.50 -32.92 9.29
C HIS D 22 15.76 -34.25 8.59
N LEU D 23 14.76 -35.13 8.57
CA LEU D 23 14.86 -36.43 7.92
C LEU D 23 14.86 -36.28 6.39
N LEU D 24 14.27 -35.18 5.89
CA LEU D 24 14.10 -34.95 4.47
C LEU D 24 15.44 -34.62 3.81
N ARG D 25 16.44 -34.25 4.62
CA ARG D 25 17.77 -33.96 4.14
C ARG D 25 18.43 -35.21 3.56
N SER D 26 18.09 -36.38 4.10
CA SER D 26 18.64 -37.65 3.62
C SER D 26 18.32 -37.84 2.14
N GLU D 27 17.13 -37.41 1.70
CA GLU D 27 16.66 -37.63 0.34
C GLU D 27 17.37 -36.69 -0.62
N ASP D 28 17.29 -37.00 -1.93
CA ASP D 28 17.87 -36.21 -2.99
C ASP D 28 16.96 -35.04 -3.36
N PRO D 29 17.47 -33.96 -4.00
CA PRO D 29 16.67 -32.77 -4.28
C PRO D 29 15.32 -32.97 -4.96
N ASP D 30 15.29 -33.85 -5.99
CA ASP D 30 14.06 -34.07 -6.75
C ASP D 30 13.01 -34.73 -5.88
N GLN D 31 13.46 -35.63 -5.00
CA GLN D 31 12.57 -36.39 -4.13
C GLN D 31 12.06 -35.48 -3.02
N GLN D 32 12.93 -34.60 -2.52
CA GLN D 32 12.58 -33.61 -1.51
C GLN D 32 11.41 -32.75 -1.99
N TYR D 33 11.50 -32.26 -3.22
CA TYR D 33 10.46 -31.46 -3.84
C TYR D 33 9.10 -32.16 -3.79
N LEU D 34 9.06 -33.42 -4.26
CA LEU D 34 7.81 -34.17 -4.34
C LEU D 34 7.26 -34.38 -2.94
N ILE D 35 8.13 -34.79 -2.01
CA ILE D 35 7.73 -35.06 -0.64
C ILE D 35 7.18 -33.78 -0.02
N LEU D 36 7.73 -32.62 -0.38
CA LEU D 36 7.25 -31.35 0.14
C LEU D 36 5.79 -31.13 -0.27
N ASN D 37 5.44 -31.43 -1.52
CA ASN D 37 4.08 -31.17 -1.99
C ASN D 37 3.08 -32.12 -1.32
N THR D 38 3.48 -33.36 -1.03
CA THR D 38 2.57 -34.28 -0.36
C THR D 38 2.41 -33.83 1.09
N ALA D 39 3.44 -33.20 1.67
CA ALA D 39 3.37 -32.66 3.02
C ALA D 39 2.43 -31.46 3.09
N ARG D 40 2.44 -30.59 2.06
CA ARG D 40 1.57 -29.43 2.05
C ARG D 40 0.11 -29.87 2.10
N LYS D 41 -0.19 -30.99 1.42
CA LYS D 41 -1.55 -31.51 1.35
C LYS D 41 -1.92 -32.15 2.69
N HIS D 42 -0.99 -32.94 3.25
CA HIS D 42 -1.17 -33.55 4.57
C HIS D 42 -1.38 -32.48 5.64
N PHE D 43 -0.64 -31.36 5.55
CA PHE D 43 -0.73 -30.29 6.53
C PHE D 43 -1.69 -29.24 5.99
N GLY D 44 -2.99 -29.32 6.34
CA GLY D 44 -3.97 -28.34 5.90
C GLY D 44 -5.33 -28.51 6.57
N ASN D 48 -7.07 -24.87 10.00
CA ASN D 48 -6.61 -23.45 9.82
C ASN D 48 -5.81 -22.97 11.02
N GLN D 49 -6.01 -23.56 12.21
CA GLN D 49 -5.30 -23.08 13.39
C GLN D 49 -3.96 -23.80 13.53
N ARG D 50 -3.85 -25.03 13.02
CA ARG D 50 -2.66 -25.85 13.17
C ARG D 50 -1.52 -25.32 12.29
N ILE D 51 -1.88 -24.74 11.14
CA ILE D 51 -0.91 -24.48 10.08
C ILE D 51 0.00 -23.29 10.43
N ARG D 52 -0.31 -22.52 11.48
CA ARG D 52 0.61 -21.48 11.93
C ARG D 52 1.96 -22.09 12.30
N PHE D 53 1.94 -23.35 12.78
CA PHE D 53 3.15 -23.99 13.30
C PHE D 53 3.67 -25.04 12.32
N THR D 54 2.85 -25.41 11.32
CA THR D 54 3.11 -26.60 10.52
C THR D 54 3.65 -26.18 9.14
N LEU D 55 3.18 -25.04 8.59
CA LEU D 55 3.51 -24.64 7.22
C LEU D 55 4.83 -23.87 7.09
N PRO D 56 5.19 -22.95 8.01
CA PRO D 56 6.41 -22.15 7.80
C PRO D 56 7.69 -22.96 7.58
N PRO D 57 7.93 -24.06 8.31
CA PRO D 57 9.11 -24.87 8.05
C PRO D 57 9.14 -25.39 6.61
N LEU D 58 7.96 -25.64 6.03
CA LEU D 58 7.88 -26.10 4.65
C LEU D 58 8.35 -25.00 3.70
N VAL D 59 7.97 -23.75 4.03
CA VAL D 59 8.36 -22.59 3.24
C VAL D 59 9.88 -22.43 3.26
N PHE D 60 10.49 -22.55 4.45
CA PHE D 60 11.92 -22.39 4.61
C PHE D 60 12.65 -23.55 3.93
N ALA D 61 12.11 -24.78 4.05
CA ALA D 61 12.70 -25.91 3.35
C ALA D 61 12.66 -25.69 1.84
N ALA D 62 11.54 -25.15 1.32
CA ALA D 62 11.46 -24.82 -0.10
C ALA D 62 12.57 -23.84 -0.51
N TYR D 63 12.79 -22.75 0.27
CA TYR D 63 13.82 -21.79 -0.08
C TYR D 63 15.20 -22.47 -0.10
N GLN D 64 15.45 -23.29 0.92
CA GLN D 64 16.68 -24.06 1.04
C GLN D 64 16.88 -24.97 -0.17
N LEU D 65 15.80 -25.60 -0.65
CA LEU D 65 15.87 -26.48 -1.81
C LEU D 65 16.25 -25.70 -3.07
N ALA D 66 15.74 -24.48 -3.22
CA ALA D 66 16.08 -23.65 -4.39
C ALA D 66 17.58 -23.39 -4.46
N PHE D 67 18.22 -23.11 -3.32
CA PHE D 67 19.66 -22.92 -3.28
C PHE D 67 20.38 -24.21 -3.66
N ARG D 68 19.86 -25.35 -3.20
CA ARG D 68 20.41 -26.65 -3.57
C ARG D 68 20.39 -26.84 -5.09
N TYR D 69 19.34 -26.35 -5.76
CA TYR D 69 19.23 -26.51 -7.20
C TYR D 69 20.23 -25.59 -7.91
N LYS D 70 20.49 -24.41 -7.36
CA LYS D 70 21.48 -23.50 -7.91
C LYS D 70 22.86 -24.16 -7.83
N GLU D 71 23.13 -24.77 -6.68
CA GLU D 71 24.39 -25.46 -6.46
C GLU D 71 24.53 -26.62 -7.45
N ASN D 72 23.41 -27.08 -8.03
CA ASN D 72 23.43 -28.15 -9.02
C ASN D 72 23.25 -27.61 -10.46
N SER D 73 23.48 -26.30 -10.68
CA SER D 73 23.13 -25.66 -11.92
C SER D 73 23.88 -26.27 -13.12
N LYS D 74 25.13 -26.70 -12.92
CA LYS D 74 25.94 -27.16 -14.04
C LYS D 74 25.60 -28.59 -14.41
N VAL D 75 24.83 -29.29 -13.57
CA VAL D 75 24.51 -30.69 -13.77
C VAL D 75 23.02 -30.95 -14.00
N ASP D 76 22.17 -29.97 -13.65
CA ASP D 76 20.73 -30.10 -13.83
C ASP D 76 20.25 -28.98 -14.75
N ASP D 77 19.99 -29.32 -16.00
CA ASP D 77 19.62 -28.35 -17.01
C ASP D 77 18.22 -27.79 -16.73
N LYS D 78 17.49 -28.37 -15.77
CA LYS D 78 16.14 -27.92 -15.43
C LYS D 78 16.10 -27.19 -14.09
N TRP D 79 17.25 -26.72 -13.59
CA TRP D 79 17.31 -26.13 -12.26
C TRP D 79 16.48 -24.84 -12.17
N GLU D 80 16.50 -24.02 -13.22
CA GLU D 80 15.78 -22.76 -13.23
C GLU D 80 14.27 -23.03 -13.11
N LYS D 81 13.78 -24.02 -13.86
CA LYS D 81 12.35 -24.33 -13.91
C LYS D 81 11.87 -24.85 -12.56
N LYS D 82 12.71 -25.68 -11.91
CA LYS D 82 12.43 -26.20 -10.58
C LYS D 82 12.33 -25.05 -9.56
N CYS D 83 13.24 -24.06 -9.68
CA CYS D 83 13.24 -22.90 -8.80
C CYS D 83 11.93 -22.13 -8.96
N GLN D 84 11.49 -21.94 -10.21
CA GLN D 84 10.21 -21.28 -10.44
C GLN D 84 9.10 -22.05 -9.71
N LYS D 85 9.07 -23.39 -9.87
CA LYS D 85 8.03 -24.21 -9.24
C LYS D 85 8.11 -24.06 -7.72
N ILE D 86 9.31 -24.04 -7.16
CA ILE D 86 9.50 -23.99 -5.72
C ILE D 86 8.96 -22.66 -5.16
N PHE D 87 9.16 -21.56 -5.89
CA PHE D 87 8.67 -20.28 -5.42
C PHE D 87 7.16 -20.18 -5.59
N SER D 88 6.60 -20.84 -6.60
CA SER D 88 5.15 -20.95 -6.70
C SER D 88 4.60 -21.69 -5.48
N PHE D 89 5.20 -22.83 -5.15
CA PHE D 89 4.82 -23.58 -3.98
C PHE D 89 4.89 -22.73 -2.70
N ALA D 90 5.97 -21.95 -2.54
CA ALA D 90 6.09 -21.11 -1.35
C ALA D 90 5.01 -20.03 -1.33
N HIS D 91 4.81 -19.37 -2.48
CA HIS D 91 3.77 -18.35 -2.63
C HIS D 91 2.41 -18.91 -2.21
N GLN D 92 2.09 -20.11 -2.67
CA GLN D 92 0.81 -20.74 -2.42
C GLN D 92 0.71 -21.18 -0.96
N THR D 93 1.82 -21.62 -0.38
CA THR D 93 1.81 -22.05 1.01
C THR D 93 1.63 -20.84 1.93
N ILE D 94 2.30 -19.72 1.60
CA ILE D 94 2.19 -18.52 2.41
C ILE D 94 0.77 -17.98 2.28
N SER D 95 0.21 -18.02 1.06
CA SER D 95 -1.16 -17.56 0.84
C SER D 95 -2.15 -18.32 1.73
N ALA D 96 -1.92 -19.61 1.96
CA ALA D 96 -2.80 -20.40 2.80
C ALA D 96 -2.79 -19.84 4.23
N LEU D 97 -1.63 -19.36 4.70
CA LEU D 97 -1.49 -18.79 6.04
C LEU D 97 -2.25 -17.48 6.14
N ILE D 98 -2.28 -16.69 5.08
CA ILE D 98 -3.03 -15.43 5.07
C ILE D 98 -4.51 -15.74 5.24
N LYS D 99 -5.01 -16.70 4.43
CA LYS D 99 -6.38 -17.18 4.50
C LYS D 99 -6.72 -17.59 5.94
N ALA D 100 -5.73 -18.14 6.64
CA ALA D 100 -5.90 -18.66 7.99
C ALA D 100 -5.76 -17.57 9.04
N GLU D 101 -6.00 -16.31 8.64
CA GLU D 101 -6.23 -15.24 9.61
C GLU D 101 -4.90 -14.62 10.08
N LEU D 102 -3.79 -14.82 9.35
CA LEU D 102 -2.49 -14.38 9.82
C LEU D 102 -1.95 -13.28 8.89
N ALA D 103 -1.17 -12.35 9.46
CA ALA D 103 -0.60 -11.24 8.71
C ALA D 103 0.89 -11.09 8.96
N GLU D 104 1.31 -11.06 10.22
CA GLU D 104 2.68 -10.73 10.58
C GLU D 104 3.65 -11.79 10.07
N LEU D 105 3.31 -13.06 10.27
CA LEU D 105 4.19 -14.14 9.90
C LEU D 105 4.25 -14.27 8.37
N PRO D 106 3.10 -14.30 7.64
CA PRO D 106 3.13 -14.31 6.18
C PRO D 106 3.95 -13.21 5.54
N LEU D 107 3.82 -11.99 6.07
CA LEU D 107 4.60 -10.85 5.64
C LEU D 107 6.10 -11.18 5.71
N ARG D 108 6.53 -11.66 6.87
CA ARG D 108 7.93 -11.99 7.07
C ARG D 108 8.37 -13.11 6.13
N LEU D 109 7.51 -14.11 5.91
CA LEU D 109 7.87 -15.23 5.04
C LEU D 109 8.03 -14.75 3.61
N PHE D 110 7.24 -13.74 3.24
CA PHE D 110 7.29 -13.19 1.89
C PHE D 110 8.62 -12.44 1.72
N LEU D 111 8.96 -11.62 2.73
CA LEU D 111 10.24 -10.91 2.73
C LEU D 111 11.40 -11.90 2.54
N GLN D 112 11.37 -13.01 3.29
CA GLN D 112 12.42 -14.02 3.17
C GLN D 112 12.45 -14.61 1.76
N GLY D 113 11.26 -14.77 1.17
CA GLY D 113 11.19 -15.32 -0.16
C GLY D 113 11.76 -14.36 -1.20
N ALA D 114 11.49 -13.08 -1.02
CA ALA D 114 12.06 -12.07 -1.91
C ALA D 114 13.58 -12.10 -1.82
N LEU D 115 14.11 -12.18 -0.59
CA LEU D 115 15.54 -12.30 -0.41
C LEU D 115 16.11 -13.48 -1.19
N ALA D 116 15.52 -14.66 -0.98
CA ALA D 116 16.02 -15.89 -1.58
C ALA D 116 16.00 -15.79 -3.09
N ALA D 117 14.86 -15.36 -3.64
CA ALA D 117 14.70 -15.23 -5.08
C ALA D 117 15.70 -14.23 -5.64
N GLY D 118 15.89 -13.12 -4.92
CA GLY D 118 16.85 -12.10 -5.30
C GLY D 118 18.25 -12.69 -5.46
N GLU D 119 18.63 -13.58 -4.54
CA GLU D 119 19.98 -14.12 -4.50
C GLU D 119 20.21 -15.19 -5.56
N ILE D 120 19.16 -15.87 -6.04
CA ILE D 120 19.31 -16.99 -6.96
C ILE D 120 18.93 -16.51 -8.35
N GLY D 121 19.89 -16.47 -9.27
CA GLY D 121 19.66 -15.83 -10.55
C GLY D 121 18.97 -16.72 -11.56
N PHE D 122 17.85 -17.36 -11.18
CA PHE D 122 17.09 -18.16 -12.14
C PHE D 122 16.25 -17.24 -13.02
N GLU D 123 15.77 -17.73 -14.15
CA GLU D 123 15.01 -16.92 -15.09
C GLU D 123 13.76 -16.36 -14.40
N ASN D 124 13.62 -15.03 -14.43
CA ASN D 124 12.51 -14.29 -13.85
C ASN D 124 12.57 -14.22 -12.33
N HIS D 125 13.76 -14.42 -11.74
CA HIS D 125 13.90 -14.26 -10.30
C HIS D 125 13.51 -12.85 -9.85
N GLU D 126 13.76 -11.86 -10.71
CA GLU D 126 13.44 -10.48 -10.38
C GLU D 126 11.92 -10.32 -10.22
N THR D 127 11.15 -10.87 -11.16
CA THR D 127 9.71 -10.82 -11.11
C THR D 127 9.21 -11.50 -9.84
N VAL D 128 9.76 -12.65 -9.50
CA VAL D 128 9.35 -13.37 -8.31
C VAL D 128 9.69 -12.55 -7.05
N ALA D 129 10.91 -11.99 -7.01
CA ALA D 129 11.33 -11.17 -5.89
C ALA D 129 10.36 -10.00 -5.69
N TYR D 130 9.96 -9.38 -6.80
CA TYR D 130 9.06 -8.23 -6.78
C TYR D 130 7.67 -8.62 -6.27
N GLU D 131 7.17 -9.79 -6.68
CA GLU D 131 5.87 -10.26 -6.23
C GLU D 131 5.91 -10.48 -4.71
N PHE D 132 6.99 -11.07 -4.22
CA PHE D 132 7.13 -11.41 -2.81
C PHE D 132 7.17 -10.12 -1.99
N MET D 133 7.92 -9.10 -2.46
CA MET D 133 7.98 -7.82 -1.79
C MET D 133 6.59 -7.14 -1.78
N SER D 134 5.84 -7.24 -2.89
CA SER D 134 4.52 -6.64 -3.01
C SER D 134 3.57 -7.27 -2.00
N GLN D 135 3.58 -8.60 -1.96
CA GLN D 135 2.70 -9.31 -1.02
C GLN D 135 2.99 -8.80 0.39
N ALA D 136 4.27 -8.61 0.72
CA ALA D 136 4.66 -8.13 2.04
C ALA D 136 4.05 -6.76 2.30
N PHE D 137 4.20 -5.87 1.32
CA PHE D 137 3.68 -4.52 1.45
C PHE D 137 2.15 -4.54 1.53
N SER D 138 1.51 -5.45 0.79
CA SER D 138 0.05 -5.54 0.80
C SER D 138 -0.45 -5.88 2.20
N LEU D 139 0.15 -6.90 2.83
CA LEU D 139 -0.17 -7.24 4.20
C LEU D 139 0.13 -6.07 5.14
N TYR D 140 1.21 -5.33 4.90
CA TYR D 140 1.53 -4.16 5.73
C TYR D 140 0.37 -3.16 5.67
N GLU D 141 -0.07 -2.79 4.47
CA GLU D 141 -1.06 -1.75 4.27
C GLU D 141 -2.45 -2.18 4.75
N ASP D 142 -2.79 -3.46 4.55
CA ASP D 142 -4.17 -3.90 4.71
C ASP D 142 -4.44 -4.53 6.07
N GLU D 143 -3.46 -5.18 6.71
CA GLU D 143 -3.74 -6.00 7.88
C GLU D 143 -2.93 -5.60 9.13
N ILE D 144 -1.87 -4.79 8.99
CA ILE D 144 -1.08 -4.31 10.12
C ILE D 144 -1.60 -2.94 10.50
N SER D 145 -2.56 -2.91 11.43
CA SER D 145 -3.15 -1.66 11.91
C SER D 145 -2.42 -1.18 13.17
N ASP D 146 -2.07 -2.16 14.02
CA ASP D 146 -1.44 -1.95 15.31
C ASP D 146 -0.19 -1.07 15.15
N SER D 147 -0.06 -0.08 16.05
CA SER D 147 0.92 0.98 15.87
C SER D 147 2.35 0.45 16.01
N LYS D 148 2.59 -0.44 16.99
CA LYS D 148 3.94 -0.92 17.26
C LYS D 148 4.30 -1.94 16.18
N ALA D 149 3.33 -2.80 15.86
CA ALA D 149 3.48 -3.78 14.80
C ALA D 149 3.85 -3.11 13.47
N GLN D 150 3.28 -1.93 13.19
CA GLN D 150 3.59 -1.20 11.97
C GLN D 150 5.07 -0.85 11.93
N LEU D 151 5.59 -0.27 13.02
CA LEU D 151 6.97 0.18 13.06
C LEU D 151 7.89 -1.01 12.88
N ALA D 152 7.54 -2.13 13.53
CA ALA D 152 8.32 -3.35 13.44
C ALA D 152 8.36 -3.82 11.99
N ALA D 153 7.18 -3.85 11.34
CA ALA D 153 7.05 -4.43 10.02
C ALA D 153 7.76 -3.56 8.99
N ILE D 154 7.60 -2.25 9.08
CA ILE D 154 8.21 -1.38 8.09
C ILE D 154 9.73 -1.45 8.23
N THR D 155 10.24 -1.63 9.44
CA THR D 155 11.68 -1.65 9.60
C THR D 155 12.24 -2.92 8.95
N LEU D 156 11.51 -4.03 9.11
CA LEU D 156 11.84 -5.27 8.44
C LEU D 156 11.78 -5.12 6.93
N ILE D 157 10.76 -4.41 6.43
CA ILE D 157 10.61 -4.25 4.99
C ILE D 157 11.81 -3.47 4.45
N ILE D 158 12.09 -2.33 5.07
CA ILE D 158 13.21 -1.47 4.65
C ILE D 158 14.52 -2.26 4.73
N GLY D 159 14.77 -2.97 5.83
CA GLY D 159 16.02 -3.68 6.03
C GLY D 159 16.19 -4.78 4.99
N THR D 160 15.09 -5.48 4.66
CA THR D 160 15.15 -6.54 3.66
C THR D 160 15.45 -5.94 2.30
N PHE D 161 14.73 -4.89 1.93
CA PHE D 161 14.85 -4.29 0.61
C PHE D 161 16.25 -3.70 0.39
N GLU D 162 16.83 -3.16 1.47
CA GLU D 162 18.13 -2.50 1.41
C GLU D 162 19.21 -3.49 1.02
N ARG D 163 19.06 -4.77 1.39
CA ARG D 163 20.03 -5.80 1.03
C ARG D 163 19.86 -6.32 -0.40
N MET D 164 18.78 -5.99 -1.10
CA MET D 164 18.50 -6.63 -2.37
C MET D 164 19.11 -5.85 -3.51
N LYS D 165 19.71 -6.59 -4.47
CA LYS D 165 20.49 -5.99 -5.54
C LYS D 165 19.97 -6.47 -6.90
N CYS D 166 18.79 -7.09 -6.93
CA CYS D 166 18.30 -7.79 -8.09
C CYS D 166 17.38 -6.93 -8.94
N PHE D 167 16.99 -5.73 -8.46
CA PHE D 167 15.93 -5.00 -9.14
C PHE D 167 16.51 -3.97 -10.10
N SER D 168 15.94 -3.89 -11.31
CA SER D 168 16.16 -2.75 -12.17
C SER D 168 15.54 -1.49 -11.54
N GLU D 169 15.88 -0.33 -12.10
CA GLU D 169 15.31 0.92 -11.64
C GLU D 169 13.79 0.92 -11.78
N GLU D 170 13.26 0.25 -12.82
CA GLU D 170 11.84 0.19 -13.04
C GLU D 170 11.13 -0.39 -11.82
N ASN D 171 11.78 -1.38 -11.19
CA ASN D 171 11.16 -2.09 -10.08
C ASN D 171 11.60 -1.51 -8.73
N HIS D 172 12.81 -0.92 -8.70
CA HIS D 172 13.39 -0.40 -7.47
C HIS D 172 12.62 0.84 -7.03
N GLU D 173 12.27 1.71 -7.99
CA GLU D 173 11.72 3.01 -7.64
C GLU D 173 10.40 2.87 -6.90
N PRO D 174 9.38 2.14 -7.41
CA PRO D 174 8.12 2.01 -6.69
C PRO D 174 8.28 1.54 -5.23
N LEU D 175 9.15 0.54 -5.02
CA LEU D 175 9.40 -0.01 -3.70
C LEU D 175 10.07 1.05 -2.81
N ARG D 176 11.07 1.73 -3.38
CA ARG D 176 11.76 2.79 -2.69
C ARG D 176 10.75 3.81 -2.20
N THR D 177 9.92 4.34 -3.12
CA THR D 177 9.09 5.48 -2.76
C THR D 177 7.97 5.00 -1.84
N GLN D 178 7.53 3.75 -2.02
CA GLN D 178 6.50 3.23 -1.13
C GLN D 178 7.03 3.10 0.30
N CYS D 179 8.29 2.68 0.46
CA CYS D 179 8.89 2.63 1.79
C CYS D 179 8.86 4.00 2.45
N ALA D 180 9.28 5.02 1.70
CA ALA D 180 9.37 6.39 2.21
C ALA D 180 7.98 6.91 2.56
N LEU D 181 7.00 6.59 1.72
CA LEU D 181 5.64 7.07 1.93
C LEU D 181 5.11 6.45 3.22
N ALA D 182 5.28 5.15 3.37
CA ALA D 182 4.74 4.46 4.54
C ALA D 182 5.40 4.95 5.82
N ALA D 183 6.69 5.26 5.73
CA ALA D 183 7.46 5.74 6.88
C ALA D 183 6.90 7.08 7.36
N SER D 184 6.62 7.96 6.39
CA SER D 184 6.11 9.29 6.68
C SER D 184 4.71 9.27 7.29
N LYS D 185 3.98 8.14 7.21
CA LYS D 185 2.58 8.09 7.63
C LYS D 185 2.35 7.23 8.87
N LEU D 186 3.40 6.79 9.54
CA LEU D 186 3.26 6.15 10.84
C LEU D 186 2.61 7.14 11.78
N LEU D 187 1.94 6.65 12.82
CA LEU D 187 1.14 7.51 13.70
C LEU D 187 2.04 8.50 14.44
N LYS D 188 2.97 7.98 15.25
CA LYS D 188 3.79 8.78 16.14
C LYS D 188 4.92 9.46 15.38
N LYS D 189 5.13 10.74 15.66
CA LYS D 189 6.13 11.57 14.97
C LYS D 189 7.53 11.05 15.19
N PRO D 190 7.91 10.57 16.39
CA PRO D 190 9.22 9.95 16.58
C PRO D 190 9.42 8.72 15.68
N ASP D 191 8.38 7.88 15.55
CA ASP D 191 8.44 6.70 14.70
C ASP D 191 8.67 7.13 13.25
N GLN D 192 7.87 8.09 12.78
CA GLN D 192 8.05 8.64 11.45
C GLN D 192 9.49 9.12 11.23
N GLY D 193 9.98 9.86 12.22
CA GLY D 193 11.31 10.42 12.15
C GLY D 193 12.36 9.35 11.96
N ARG D 194 12.30 8.31 12.80
CA ARG D 194 13.24 7.22 12.73
C ARG D 194 13.10 6.48 11.40
N ALA D 195 11.85 6.24 10.96
CA ALA D 195 11.62 5.39 9.80
C ALA D 195 12.07 6.12 8.54
N VAL D 196 11.75 7.42 8.44
CA VAL D 196 12.15 8.21 7.27
C VAL D 196 13.67 8.32 7.22
N SER D 197 14.29 8.40 8.39
CA SER D 197 15.73 8.46 8.51
C SER D 197 16.38 7.18 7.99
N THR D 198 15.80 6.05 8.38
CA THR D 198 16.26 4.72 7.96
C THR D 198 16.14 4.56 6.43
N CYS D 199 15.13 5.17 5.81
CA CYS D 199 14.92 5.05 4.37
C CYS D 199 16.03 5.70 3.58
N ALA D 200 16.84 6.54 4.22
CA ALA D 200 17.96 7.17 3.54
C ALA D 200 18.82 6.11 2.85
N HIS D 201 18.96 4.93 3.46
CA HIS D 201 19.85 3.88 2.95
C HIS D 201 19.36 3.33 1.61
N LEU D 202 18.07 3.51 1.31
CA LEU D 202 17.50 3.04 0.06
C LEU D 202 17.94 3.95 -1.08
N PHE D 203 18.36 5.18 -0.80
CA PHE D 203 18.75 6.12 -1.85
C PHE D 203 20.26 6.16 -2.03
N TRP D 204 20.97 5.26 -1.32
CA TRP D 204 22.42 5.18 -1.34
C TRP D 204 22.84 3.73 -1.62
N LYS D 220 22.46 12.92 -2.41
CA LYS D 220 21.60 14.14 -2.49
C LYS D 220 20.16 13.81 -2.10
N ARG D 221 19.65 12.63 -2.52
CA ARG D 221 18.35 12.17 -2.05
C ARG D 221 18.45 11.71 -0.59
N VAL D 222 19.61 11.17 -0.22
CA VAL D 222 19.95 10.90 1.18
C VAL D 222 19.73 12.17 2.02
N MET D 223 20.22 13.31 1.52
CA MET D 223 20.12 14.57 2.26
C MET D 223 18.66 14.98 2.43
N GLU D 224 17.85 14.83 1.36
CA GLU D 224 16.43 15.17 1.42
C GLU D 224 15.75 14.35 2.52
N CYS D 225 16.05 13.04 2.59
CA CYS D 225 15.46 12.15 3.58
C CYS D 225 15.77 12.63 4.99
N LEU D 226 17.06 12.85 5.24
CA LEU D 226 17.50 13.23 6.58
C LEU D 226 16.95 14.62 6.91
N LYS D 227 16.87 15.51 5.90
CA LYS D 227 16.22 16.81 6.10
C LYS D 227 14.77 16.60 6.52
N LYS D 228 14.04 15.72 5.84
CA LYS D 228 12.64 15.47 6.16
C LYS D 228 12.51 14.92 7.59
N ALA D 229 13.43 14.03 7.97
CA ALA D 229 13.41 13.48 9.32
C ALA D 229 13.61 14.58 10.36
N LEU D 230 14.49 15.54 10.04
CA LEU D 230 14.74 16.68 10.90
C LEU D 230 13.47 17.52 11.01
N LYS D 231 12.84 17.83 9.88
CA LYS D 231 11.59 18.59 9.89
C LYS D 231 10.58 17.91 10.83
N ILE D 232 10.54 16.57 10.83
CA ILE D 232 9.57 15.85 11.66
C ILE D 232 9.98 15.93 13.14
N ALA D 233 11.29 15.81 13.40
CA ALA D 233 11.78 15.88 14.77
C ALA D 233 11.53 17.28 15.35
N ASN D 234 11.51 18.30 14.48
CA ASN D 234 11.26 19.67 14.89
C ASN D 234 9.83 19.83 15.39
N GLN D 235 8.91 18.94 14.99
CA GLN D 235 7.51 19.09 15.35
C GLN D 235 7.15 18.27 16.57
N CYS D 236 8.12 17.60 17.19
CA CYS D 236 7.85 16.85 18.41
C CYS D 236 7.84 17.82 19.58
N MET D 237 6.83 17.70 20.44
CA MET D 237 6.66 18.67 21.50
C MET D 237 7.43 18.23 22.75
N ASP D 238 7.63 16.93 22.95
CA ASP D 238 8.48 16.51 24.05
C ASP D 238 9.90 16.97 23.77
N PRO D 239 10.50 17.85 24.60
CA PRO D 239 11.86 18.35 24.37
C PRO D 239 12.93 17.26 24.43
N SER D 240 12.80 16.35 25.40
CA SER D 240 13.77 15.28 25.56
C SER D 240 13.76 14.39 24.32
N LEU D 241 12.55 14.17 23.76
CA LEU D 241 12.39 13.32 22.59
C LEU D 241 12.95 14.02 21.35
N GLN D 242 12.75 15.32 21.25
CA GLN D 242 13.21 16.09 20.11
C GLN D 242 14.74 16.02 19.99
N VAL D 243 15.45 16.25 21.10
CA VAL D 243 16.91 16.29 21.09
C VAL D 243 17.44 14.88 20.82
N GLN D 244 16.78 13.89 21.39
CA GLN D 244 17.17 12.50 21.14
C GLN D 244 17.16 12.23 19.65
N LEU D 245 16.06 12.58 18.98
CA LEU D 245 15.93 12.37 17.54
C LEU D 245 17.03 13.14 16.81
N PHE D 246 17.33 14.36 17.26
CA PHE D 246 18.34 15.17 16.61
C PHE D 246 19.68 14.42 16.63
N ILE D 247 20.01 13.80 17.78
CA ILE D 247 21.27 13.09 17.92
C ILE D 247 21.26 11.82 17.07
N GLU D 248 20.10 11.16 16.96
CA GLU D 248 20.01 9.95 16.14
C GLU D 248 20.25 10.32 14.68
N ILE D 249 19.64 11.42 14.24
CA ILE D 249 19.76 11.85 12.84
C ILE D 249 21.20 12.29 12.55
N LEU D 250 21.83 13.00 13.49
CA LEU D 250 23.23 13.38 13.39
C LEU D 250 24.09 12.16 13.11
N ASN D 251 23.84 11.10 13.87
CA ASN D 251 24.56 9.84 13.72
C ASN D 251 24.28 9.24 12.34
N ARG D 252 23.07 9.43 11.82
CA ARG D 252 22.75 8.95 10.48
C ARG D 252 23.52 9.76 9.45
N TYR D 253 23.57 11.09 9.65
CA TYR D 253 24.38 11.96 8.81
C TYR D 253 25.86 11.55 8.87
N ILE D 254 26.36 11.21 10.06
CA ILE D 254 27.76 10.83 10.22
C ILE D 254 28.05 9.54 9.47
N TYR D 255 27.09 8.59 9.50
CA TYR D 255 27.22 7.35 8.76
C TYR D 255 27.52 7.64 7.29
N PHE D 256 26.75 8.54 6.65
CA PHE D 256 26.92 8.78 5.22
C PHE D 256 28.18 9.63 4.97
N TYR D 257 28.54 10.47 5.93
CA TYR D 257 29.74 11.28 5.82
C TYR D 257 30.95 10.36 5.70
N GLU D 258 31.06 9.40 6.62
CA GLU D 258 32.21 8.54 6.71
C GLU D 258 32.20 7.54 5.56
N LYS D 259 31.03 7.27 4.97
CA LYS D 259 30.95 6.46 3.75
C LYS D 259 31.32 7.29 2.53
N GLU D 260 31.67 8.56 2.74
CA GLU D 260 32.22 9.41 1.70
C GLU D 260 31.14 9.86 0.72
N ASN D 261 29.97 10.18 1.29
CA ASN D 261 28.92 10.90 0.57
C ASN D 261 29.32 12.37 0.56
N ASP D 262 29.65 12.90 -0.63
CA ASP D 262 30.15 14.26 -0.76
C ASP D 262 29.06 15.29 -0.54
N ALA D 263 27.79 14.85 -0.51
CA ALA D 263 26.67 15.75 -0.31
C ALA D 263 26.55 16.14 1.16
N VAL D 264 27.04 15.27 2.05
CA VAL D 264 27.02 15.54 3.47
C VAL D 264 28.24 16.39 3.77
N THR D 265 28.01 17.66 4.14
CA THR D 265 29.08 18.62 4.32
C THR D 265 29.31 18.84 5.81
N ILE D 266 30.48 19.40 6.13
CA ILE D 266 30.81 19.73 7.50
C ILE D 266 29.84 20.80 8.02
N GLN D 267 29.37 21.71 7.16
CA GLN D 267 28.44 22.76 7.55
C GLN D 267 27.14 22.16 8.08
N VAL D 268 26.67 21.08 7.43
CA VAL D 268 25.44 20.41 7.84
C VAL D 268 25.65 19.73 9.19
N LEU D 269 26.78 19.04 9.36
CA LEU D 269 27.11 18.40 10.62
C LEU D 269 27.16 19.41 11.75
N ASN D 270 27.87 20.52 11.52
CA ASN D 270 28.13 21.52 12.54
C ASN D 270 26.87 22.29 12.90
N GLN D 271 25.99 22.54 11.91
CA GLN D 271 24.73 23.20 12.18
C GLN D 271 23.92 22.36 13.17
N LEU D 272 23.86 21.05 12.90
CA LEU D 272 23.03 20.15 13.69
C LEU D 272 23.64 20.00 15.09
N ILE D 273 24.97 19.84 15.13
CA ILE D 273 25.70 19.81 16.39
C ILE D 273 25.37 21.06 17.20
N GLN D 274 25.31 22.23 16.54
CA GLN D 274 25.12 23.49 17.24
C GLN D 274 23.69 23.60 17.78
N LYS D 275 22.71 23.10 17.00
CA LYS D 275 21.32 23.07 17.45
C LYS D 275 21.19 22.22 18.71
N ILE D 276 21.91 21.09 18.74
CA ILE D 276 21.80 20.16 19.85
C ILE D 276 22.39 20.83 21.10
N ARG D 277 23.55 21.49 20.93
CA ARG D 277 24.21 22.16 22.04
C ARG D 277 23.30 23.26 22.58
N GLU D 278 22.53 23.91 21.72
CA GLU D 278 21.58 24.93 22.17
C GLU D 278 20.48 24.31 23.03
N ASP D 279 19.92 23.16 22.62
CA ASP D 279 18.68 22.68 23.21
C ASP D 279 18.95 21.76 24.41
N LEU D 280 20.17 21.22 24.49
CA LEU D 280 20.46 20.12 25.41
C LEU D 280 20.45 20.62 26.86
N PRO D 281 21.09 21.77 27.19
CA PRO D 281 21.06 22.28 28.57
C PRO D 281 19.65 22.58 29.11
N ASN D 282 18.67 22.79 28.21
CA ASN D 282 17.32 23.10 28.61
C ASN D 282 16.62 21.89 29.22
N LEU D 283 17.08 20.67 28.95
CA LEU D 283 16.42 19.47 29.44
C LEU D 283 16.49 19.42 30.96
N GLU D 284 15.46 18.80 31.55
CA GLU D 284 15.41 18.55 32.98
C GLU D 284 16.48 17.54 33.34
N SER D 285 17.18 17.76 34.45
CA SER D 285 18.22 16.87 34.94
C SER D 285 17.63 15.54 35.44
N SER D 286 18.09 14.41 34.87
CA SER D 286 17.55 13.10 35.18
C SER D 286 18.49 12.02 34.65
N GLU D 287 18.15 10.74 34.92
CA GLU D 287 18.89 9.63 34.37
C GLU D 287 18.72 9.61 32.85
N GLU D 288 17.49 9.82 32.38
CA GLU D 288 17.19 9.80 30.96
C GLU D 288 18.00 10.89 30.25
N THR D 289 18.13 12.04 30.91
CA THR D 289 18.85 13.16 30.35
C THR D 289 20.35 12.86 30.34
N GLU D 290 20.80 12.06 31.29
CA GLU D 290 22.22 11.74 31.40
C GLU D 290 22.61 10.89 30.20
N GLN D 291 21.70 10.01 29.76
CA GLN D 291 21.95 9.08 28.67
C GLN D 291 21.95 9.80 27.33
N ILE D 292 21.05 10.78 27.18
CA ILE D 292 20.99 11.57 25.97
C ILE D 292 22.29 12.37 25.83
N ASN D 293 22.79 12.89 26.96
CA ASN D 293 24.04 13.64 27.02
C ASN D 293 25.22 12.74 26.66
N LYS D 294 25.24 11.53 27.23
CA LYS D 294 26.31 10.59 26.93
C LYS D 294 26.28 10.20 25.44
N HIS D 295 25.09 10.06 24.88
CA HIS D 295 24.94 9.72 23.46
C HIS D 295 25.62 10.79 22.61
N PHE D 296 25.31 12.06 22.91
CA PHE D 296 25.90 13.18 22.20
C PHE D 296 27.41 13.23 22.41
N HIS D 297 27.86 13.08 23.67
CA HIS D 297 29.28 13.07 24.01
C HIS D 297 30.02 12.00 23.21
N ASN D 298 29.45 10.78 23.18
CA ASN D 298 29.98 9.67 22.41
C ASN D 298 30.05 10.01 20.93
N THR D 299 29.05 10.72 20.42
CA THR D 299 29.05 11.14 19.02
C THR D 299 30.23 12.08 18.74
N LEU D 300 30.40 13.09 19.59
CA LEU D 300 31.48 14.06 19.45
C LEU D 300 32.85 13.36 19.55
N GLU D 301 33.02 12.47 20.54
CA GLU D 301 34.24 11.70 20.68
C GLU D 301 34.56 10.95 19.38
N HIS D 302 33.53 10.29 18.82
CA HIS D 302 33.69 9.51 17.62
C HIS D 302 34.12 10.41 16.47
N LEU D 303 33.49 11.58 16.37
CA LEU D 303 33.76 12.50 15.28
C LEU D 303 35.19 13.06 15.36
N ARG D 304 35.68 13.22 16.59
CA ARG D 304 37.04 13.70 16.86
C ARG D 304 38.11 12.67 16.55
N LEU D 305 37.81 11.37 16.52
CA LEU D 305 38.81 10.35 16.19
C LEU D 305 38.88 10.13 14.68
N ARG D 306 38.86 11.22 13.90
CA ARG D 306 38.90 11.22 12.45
C ARG D 306 38.40 9.87 11.89
NAA XFZ E . -8.45 14.96 2.75
CAB XFZ E . -9.12 14.00 3.41
NAC XFZ E . -10.46 14.08 3.41
NAD XFZ E . -8.55 12.94 4.10
NAE XFZ E . -7.13 12.62 4.27
CAF XFZ E . -6.10 13.34 3.81
CAG XFZ E . -4.82 12.86 4.01
CAR XFZ E . -4.57 11.63 3.43
CAH XFZ E . -3.83 13.53 4.73
CAI XFZ E . -2.57 12.95 4.87
CAJ XFZ E . -2.33 11.70 4.28
CAK XFZ E . -3.32 11.04 3.55
CAL XFZ E . -3.09 9.79 2.98
NAM XFZ E . -4.01 8.84 3.23
NAN XFZ E . -3.90 7.81 2.86
CAO XFZ E . -4.93 7.00 3.20
NAQ XFZ E . -4.95 5.72 2.84
NAP XFZ E . -5.97 7.48 3.92
C TRS F . 13.29 -10.43 7.79
C1 TRS F . 13.27 -9.12 8.59
C2 TRS F . 13.53 -10.09 6.33
C3 TRS F . 11.98 -11.21 7.94
N TRS F . 14.46 -11.25 8.29
O2 TRS F . 13.00 -11.07 5.47
O3 TRS F . 11.48 -11.26 9.28
#